data_2MZG
#
_entry.id   2MZG
#
_entity_poly.entity_id   1
_entity_poly.type   'polypeptide(L)'
_entity_poly.pdbx_seq_one_letter_code
;AKACTPLLHDCSHDRHSCCRGDMFKYVCDCFYPEGEDKTEVCSCQQPKSHKIAEKIIDKAKTTL
;
_entity_poly.pdbx_strand_id   A
#
# COMPACT_ATOMS: atom_id res chain seq x y z
N ALA A 1 1.60 -18.52 8.12
CA ALA A 1 1.47 -17.60 9.25
C ALA A 1 2.84 -17.19 9.78
N LYS A 2 3.83 -17.16 8.90
CA LYS A 2 5.18 -16.78 9.28
C LYS A 2 5.63 -15.53 8.52
N ALA A 3 5.42 -15.53 7.21
CA ALA A 3 5.79 -14.39 6.38
C ALA A 3 4.95 -13.16 6.71
N CYS A 4 5.22 -12.06 6.03
CA CYS A 4 4.48 -10.83 6.25
C CYS A 4 3.57 -10.52 5.06
N THR A 5 2.93 -9.34 5.10
CA THR A 5 2.03 -8.94 4.03
C THR A 5 2.62 -7.79 3.22
N PRO A 6 3.49 -8.14 2.26
CA PRO A 6 4.15 -7.16 1.39
C PRO A 6 3.17 -6.51 0.41
N LEU A 7 3.72 -5.79 -0.56
CA LEU A 7 2.89 -5.12 -1.56
C LEU A 7 2.09 -6.13 -2.36
N LEU A 8 0.85 -5.76 -2.69
CA LEU A 8 -0.03 -6.63 -3.46
C LEU A 8 -0.40 -7.87 -2.65
N HIS A 9 -0.97 -7.65 -1.47
CA HIS A 9 -1.37 -8.75 -0.60
C HIS A 9 -2.62 -8.40 0.19
N ASP A 10 -3.24 -9.40 0.81
CA ASP A 10 -4.44 -9.18 1.60
C ASP A 10 -4.09 -8.59 2.97
N CYS A 11 -4.51 -7.35 3.20
CA CYS A 11 -4.24 -6.68 4.46
C CYS A 11 -5.53 -6.15 5.08
N SER A 12 -6.66 -6.55 4.50
CA SER A 12 -7.97 -6.12 5.00
C SER A 12 -8.15 -6.51 6.46
N HIS A 13 -7.46 -7.57 6.87
CA HIS A 13 -7.55 -8.05 8.25
C HIS A 13 -6.65 -7.22 9.16
N ASP A 14 -5.67 -6.53 8.57
CA ASP A 14 -4.75 -5.71 9.33
C ASP A 14 -4.02 -4.73 8.42
N ARG A 15 -4.21 -3.43 8.68
CA ARG A 15 -3.57 -2.40 7.88
C ARG A 15 -2.16 -2.11 8.39
N HIS A 16 -1.91 -2.47 9.64
CA HIS A 16 -0.60 -2.25 10.24
C HIS A 16 0.19 -3.55 10.32
N SER A 17 -0.20 -4.53 9.51
CA SER A 17 0.47 -5.82 9.49
C SER A 17 1.44 -5.91 8.30
N CYS A 18 1.20 -5.07 7.30
CA CYS A 18 2.06 -5.06 6.11
C CYS A 18 3.53 -4.95 6.49
N CYS A 19 4.41 -5.37 5.59
CA CYS A 19 5.84 -5.33 5.84
C CYS A 19 6.33 -3.88 5.93
N ARG A 20 7.44 -3.69 6.61
CA ARG A 20 8.02 -2.35 6.78
C ARG A 20 8.80 -1.95 5.54
N GLY A 21 9.05 -0.64 5.40
CA GLY A 21 9.78 -0.14 4.25
C GLY A 21 11.12 0.46 4.64
N ASP A 22 11.84 0.97 3.65
CA ASP A 22 13.15 1.58 3.90
C ASP A 22 13.00 2.93 4.59
N MET A 23 11.94 3.66 4.26
CA MET A 23 11.69 4.96 4.86
C MET A 23 10.51 4.90 5.83
N PHE A 24 9.42 4.26 5.40
CA PHE A 24 8.24 4.12 6.22
C PHE A 24 7.53 2.79 5.96
N LYS A 25 6.48 2.53 6.73
CA LYS A 25 5.71 1.30 6.58
C LYS A 25 4.69 1.43 5.46
N TYR A 26 4.44 0.33 4.75
CA TYR A 26 3.49 0.32 3.66
C TYR A 26 2.11 0.77 4.13
N VAL A 27 1.23 1.06 3.18
CA VAL A 27 -0.13 1.51 3.49
C VAL A 27 -1.16 0.53 2.95
N CYS A 28 -2.16 0.23 3.77
CA CYS A 28 -3.23 -0.69 3.39
C CYS A 28 -4.39 0.06 2.76
N ASP A 29 -4.62 -0.18 1.48
CA ASP A 29 -5.72 0.47 0.76
C ASP A 29 -6.98 -0.38 0.80
N CYS A 30 -8.14 0.27 0.77
CA CYS A 30 -9.42 -0.42 0.80
C CYS A 30 -10.34 0.10 -0.29
N PHE A 31 -11.24 -0.76 -0.75
CA PHE A 31 -12.19 -0.39 -1.79
C PHE A 31 -13.54 -1.09 -1.59
N TYR A 32 -14.61 -0.41 -1.97
CA TYR A 32 -15.95 -0.97 -1.82
C TYR A 32 -16.66 -1.05 -3.17
N PRO A 33 -16.29 -2.07 -3.97
CA PRO A 33 -16.88 -2.30 -5.30
C PRO A 33 -18.32 -2.75 -5.22
N GLU A 34 -19.22 -1.80 -4.95
CA GLU A 34 -20.65 -2.12 -4.85
C GLU A 34 -20.92 -3.03 -3.66
N GLY A 35 -20.11 -2.89 -2.61
CA GLY A 35 -20.28 -3.71 -1.42
C GLY A 35 -19.52 -3.17 -0.23
N GLU A 36 -19.97 -2.04 0.30
CA GLU A 36 -19.33 -1.42 1.44
C GLU A 36 -19.72 -2.12 2.73
N ASP A 37 -20.99 -2.47 2.85
CA ASP A 37 -21.49 -3.15 4.03
C ASP A 37 -21.62 -4.66 3.79
N LYS A 38 -21.00 -5.13 2.72
CA LYS A 38 -21.04 -6.55 2.37
C LYS A 38 -19.65 -7.17 2.47
N THR A 39 -18.72 -6.66 1.66
CA THR A 39 -17.35 -7.16 1.67
C THR A 39 -16.39 -6.14 1.06
N GLU A 40 -15.58 -5.52 1.91
CA GLU A 40 -14.62 -4.53 1.46
C GLU A 40 -13.32 -5.20 1.01
N VAL A 41 -12.86 -4.84 -0.18
CA VAL A 41 -11.63 -5.40 -0.73
C VAL A 41 -10.44 -4.47 -0.47
N CYS A 42 -9.48 -4.95 0.33
CA CYS A 42 -8.30 -4.18 0.66
C CYS A 42 -7.04 -4.88 0.19
N SER A 43 -6.00 -4.10 -0.08
CA SER A 43 -4.73 -4.65 -0.56
C SER A 43 -3.56 -3.79 -0.11
N CYS A 44 -2.40 -4.40 0.05
CA CYS A 44 -1.20 -3.69 0.47
C CYS A 44 -0.67 -2.80 -0.65
N GLN A 45 -0.42 -1.53 -0.32
CA GLN A 45 0.09 -0.58 -1.30
C GLN A 45 1.14 0.34 -0.67
N GLN A 46 1.87 1.06 -1.52
CA GLN A 46 2.89 1.97 -1.05
C GLN A 46 2.35 3.39 -0.93
N PRO A 47 2.85 4.13 0.07
CA PRO A 47 2.43 5.51 0.32
C PRO A 47 2.91 6.47 -0.75
N LYS A 48 2.40 7.70 -0.72
CA LYS A 48 2.78 8.71 -1.70
C LYS A 48 4.29 8.99 -1.64
N SER A 49 4.85 8.88 -0.45
CA SER A 49 6.29 9.11 -0.27
C SER A 49 7.11 8.06 -1.02
N HIS A 50 6.82 6.80 -0.75
CA HIS A 50 7.52 5.70 -1.40
C HIS A 50 7.35 5.77 -2.92
N LYS A 51 6.12 5.97 -3.36
CA LYS A 51 5.82 6.04 -4.78
C LYS A 51 6.65 7.14 -5.46
N ILE A 52 6.47 8.38 -5.02
CA ILE A 52 7.20 9.50 -5.57
C ILE A 52 8.70 9.23 -5.58
N ALA A 53 9.21 8.74 -4.44
CA ALA A 53 10.63 8.44 -4.32
C ALA A 53 11.10 7.54 -5.45
N GLU A 54 10.49 6.37 -5.57
CA GLU A 54 10.85 5.41 -6.61
C GLU A 54 10.82 6.07 -7.99
N LYS A 55 9.74 6.79 -8.27
CA LYS A 55 9.60 7.48 -9.55
C LYS A 55 10.83 8.32 -9.85
N ILE A 56 11.17 9.21 -8.93
CA ILE A 56 12.33 10.08 -9.10
C ILE A 56 13.60 9.27 -9.31
N ILE A 57 13.84 8.31 -8.42
CA ILE A 57 15.02 7.46 -8.52
C ILE A 57 15.14 6.82 -9.90
N ASP A 58 14.09 6.11 -10.30
CA ASP A 58 14.08 5.45 -11.60
C ASP A 58 14.29 6.46 -12.73
N LYS A 59 13.61 7.59 -12.64
CA LYS A 59 13.73 8.64 -13.64
C LYS A 59 15.18 9.08 -13.80
N ALA A 60 15.78 9.55 -12.71
CA ALA A 60 17.16 10.00 -12.72
C ALA A 60 18.08 8.91 -13.27
N LYS A 61 17.93 7.70 -12.75
CA LYS A 61 18.76 6.57 -13.19
C LYS A 61 18.72 6.43 -14.71
N THR A 62 17.51 6.47 -15.27
CA THR A 62 17.34 6.35 -16.72
C THR A 62 17.76 7.63 -17.43
N THR A 63 17.83 8.73 -16.68
CA THR A 63 18.22 10.02 -17.24
C THR A 63 19.75 10.16 -17.28
N LEU A 64 20.43 9.42 -16.43
CA LEU A 64 21.89 9.47 -16.37
C LEU A 64 22.50 8.42 -17.28
N ALA A 1 4.42 -19.81 9.22
CA ALA A 1 3.47 -18.91 9.86
C ALA A 1 4.06 -17.52 10.03
N LYS A 2 5.38 -17.42 9.89
CA LYS A 2 6.08 -16.15 10.04
C LYS A 2 6.47 -15.58 8.68
N ALA A 3 5.83 -14.49 8.29
CA ALA A 3 6.10 -13.85 7.01
C ALA A 3 5.66 -12.39 7.03
N CYS A 4 6.11 -11.64 6.02
CA CYS A 4 5.75 -10.22 5.92
C CYS A 4 4.65 -10.02 4.88
N THR A 5 3.98 -8.87 4.97
CA THR A 5 2.90 -8.54 4.04
C THR A 5 3.26 -7.33 3.19
N PRO A 6 4.05 -7.54 2.14
CA PRO A 6 4.48 -6.48 1.22
C PRO A 6 3.33 -5.95 0.37
N LEU A 7 3.66 -5.15 -0.63
CA LEU A 7 2.66 -4.58 -1.52
C LEU A 7 1.87 -5.67 -2.24
N LEU A 8 0.63 -5.39 -2.58
CA LEU A 8 -0.23 -6.35 -3.26
C LEU A 8 -0.39 -7.63 -2.44
N HIS A 9 -0.92 -7.48 -1.23
CA HIS A 9 -1.13 -8.62 -0.35
C HIS A 9 -2.39 -8.42 0.50
N ASP A 10 -2.81 -9.49 1.16
CA ASP A 10 -4.00 -9.43 2.01
C ASP A 10 -3.69 -8.77 3.35
N CYS A 11 -4.32 -7.63 3.61
CA CYS A 11 -4.11 -6.91 4.85
C CYS A 11 -5.43 -6.56 5.52
N SER A 12 -6.52 -7.05 4.93
CA SER A 12 -7.85 -6.78 5.46
C SER A 12 -7.99 -7.33 6.89
N HIS A 13 -7.17 -8.32 7.21
CA HIS A 13 -7.20 -8.93 8.54
C HIS A 13 -6.44 -8.06 9.54
N ASP A 14 -5.61 -7.16 9.04
CA ASP A 14 -4.82 -6.27 9.89
C ASP A 14 -4.19 -5.15 9.08
N ARG A 15 -4.60 -3.92 9.34
CA ARG A 15 -4.08 -2.76 8.64
C ARG A 15 -2.64 -2.48 9.03
N HIS A 16 -2.19 -3.13 10.12
CA HIS A 16 -0.84 -2.95 10.60
C HIS A 16 -0.01 -4.21 10.39
N SER A 17 -0.40 -5.01 9.41
CA SER A 17 0.30 -6.25 9.10
C SER A 17 1.46 -6.00 8.15
N CYS A 18 1.26 -5.10 7.20
CA CYS A 18 2.29 -4.77 6.23
C CYS A 18 3.58 -4.33 6.93
N CYS A 19 4.70 -4.89 6.49
CA CYS A 19 6.00 -4.56 7.07
C CYS A 19 6.52 -3.23 6.53
N ARG A 20 7.52 -2.68 7.20
CA ARG A 20 8.10 -1.42 6.79
C ARG A 20 9.09 -1.62 5.65
N GLY A 21 9.33 -0.56 4.87
CA GLY A 21 10.24 -0.65 3.75
C GLY A 21 11.57 0.02 4.04
N ASP A 22 12.30 0.36 2.98
CA ASP A 22 13.59 1.02 3.12
C ASP A 22 13.42 2.50 3.45
N MET A 23 12.37 3.10 2.92
CA MET A 23 12.10 4.51 3.15
C MET A 23 11.03 4.69 4.23
N PHE A 24 9.80 4.29 3.90
CA PHE A 24 8.69 4.40 4.83
C PHE A 24 7.88 3.10 4.87
N LYS A 25 6.94 3.04 5.81
CA LYS A 25 6.10 1.86 5.97
C LYS A 25 4.91 1.91 5.01
N TYR A 26 4.49 0.74 4.51
CA TYR A 26 3.37 0.66 3.60
C TYR A 26 2.05 0.88 4.32
N VAL A 27 0.99 1.12 3.55
CA VAL A 27 -0.33 1.34 4.12
C VAL A 27 -1.35 0.34 3.59
N CYS A 28 -2.33 -0.01 4.41
CA CYS A 28 -3.37 -0.95 4.01
C CYS A 28 -4.58 -0.23 3.44
N ASP A 29 -4.85 -0.44 2.16
CA ASP A 29 -5.99 0.19 1.50
C ASP A 29 -7.21 -0.73 1.54
N CYS A 30 -8.39 -0.11 1.57
CA CYS A 30 -9.64 -0.86 1.63
C CYS A 30 -10.64 -0.31 0.61
N PHE A 31 -11.36 -1.21 -0.05
CA PHE A 31 -12.35 -0.83 -1.05
C PHE A 31 -13.54 -1.78 -1.03
N TYR A 32 -14.58 -1.44 -1.79
CA TYR A 32 -15.78 -2.26 -1.86
C TYR A 32 -16.36 -2.25 -3.27
N PRO A 33 -17.06 -3.33 -3.62
CA PRO A 33 -17.68 -3.47 -4.94
C PRO A 33 -18.87 -2.53 -5.14
N GLU A 34 -18.56 -1.24 -5.33
CA GLU A 34 -19.60 -0.24 -5.52
C GLU A 34 -20.59 -0.24 -4.35
N GLY A 35 -20.13 -0.71 -3.20
CA GLY A 35 -20.99 -0.77 -2.03
C GLY A 35 -20.32 -1.43 -0.85
N GLU A 36 -20.20 -0.70 0.25
CA GLU A 36 -19.58 -1.24 1.46
C GLU A 36 -20.50 -2.23 2.16
N ASP A 37 -21.74 -2.31 1.69
CA ASP A 37 -22.72 -3.22 2.27
C ASP A 37 -22.68 -4.58 1.58
N LYS A 38 -21.66 -4.78 0.76
CA LYS A 38 -21.49 -6.05 0.04
C LYS A 38 -20.31 -6.83 0.57
N THR A 39 -19.11 -6.39 0.23
CA THR A 39 -17.88 -7.05 0.68
C THR A 39 -16.73 -6.07 0.80
N GLU A 40 -15.94 -6.22 1.86
CA GLU A 40 -14.81 -5.34 2.08
C GLU A 40 -13.50 -5.99 1.64
N VAL A 41 -12.89 -5.44 0.60
CA VAL A 41 -11.65 -5.98 0.06
C VAL A 41 -10.49 -5.00 0.28
N CYS A 42 -9.52 -5.41 1.07
CA CYS A 42 -8.36 -4.58 1.36
C CYS A 42 -7.08 -5.20 0.79
N SER A 43 -6.11 -4.35 0.49
CA SER A 43 -4.84 -4.81 -0.07
C SER A 43 -3.70 -3.88 0.32
N CYS A 44 -2.50 -4.43 0.43
CA CYS A 44 -1.32 -3.65 0.79
C CYS A 44 -0.96 -2.65 -0.32
N GLN A 45 -0.82 -1.39 0.06
CA GLN A 45 -0.47 -0.35 -0.91
C GLN A 45 0.52 0.64 -0.31
N GLN A 46 1.05 1.52 -1.15
CA GLN A 46 2.01 2.52 -0.70
C GLN A 46 1.32 3.84 -0.37
N PRO A 47 1.85 4.55 0.64
CA PRO A 47 1.30 5.84 1.07
C PRO A 47 1.51 6.94 0.04
N LYS A 48 0.85 8.08 0.24
CA LYS A 48 0.98 9.20 -0.67
C LYS A 48 2.43 9.63 -0.82
N SER A 49 3.23 9.41 0.22
CA SER A 49 4.64 9.76 0.21
C SER A 49 5.41 8.88 -0.77
N HIS A 50 5.30 7.57 -0.59
CA HIS A 50 5.99 6.62 -1.46
C HIS A 50 5.55 6.80 -2.91
N LYS A 51 4.26 7.01 -3.11
CA LYS A 51 3.72 7.21 -4.46
C LYS A 51 4.29 8.46 -5.10
N ILE A 52 4.01 9.61 -4.50
CA ILE A 52 4.50 10.89 -5.02
C ILE A 52 6.02 10.86 -5.19
N ALA A 53 6.72 10.44 -4.14
CA ALA A 53 8.18 10.37 -4.17
C ALA A 53 8.65 9.57 -5.38
N GLU A 54 8.15 8.34 -5.51
CA GLU A 54 8.53 7.48 -6.62
C GLU A 54 8.28 8.16 -7.96
N LYS A 55 7.14 8.83 -8.07
CA LYS A 55 6.77 9.53 -9.29
C LYS A 55 7.82 10.57 -9.66
N ILE A 56 8.16 11.44 -8.70
CA ILE A 56 9.15 12.47 -8.93
C ILE A 56 10.50 11.87 -9.34
N ILE A 57 11.04 11.01 -8.49
CA ILE A 57 12.32 10.35 -8.77
C ILE A 57 12.30 9.69 -10.14
N ASP A 58 11.18 9.05 -10.48
CA ASP A 58 11.04 8.38 -11.75
C ASP A 58 11.20 9.36 -12.91
N LYS A 59 10.28 10.32 -12.99
CA LYS A 59 10.32 11.32 -14.04
C LYS A 59 11.64 12.09 -14.03
N ALA A 60 12.27 12.14 -12.86
CA ALA A 60 13.54 12.83 -12.72
C ALA A 60 14.66 12.10 -13.45
N LYS A 61 14.94 10.88 -13.01
CA LYS A 61 15.99 10.07 -13.63
C LYS A 61 15.65 9.77 -15.09
N THR A 62 14.36 9.77 -15.40
CA THR A 62 13.90 9.50 -16.76
C THR A 62 14.17 10.68 -17.68
N THR A 63 14.25 11.87 -17.10
CA THR A 63 14.50 13.09 -17.87
C THR A 63 15.99 13.42 -17.91
N LEU A 64 16.62 13.39 -16.74
CA LEU A 64 18.05 13.68 -16.65
C LEU A 64 18.74 12.75 -15.66
N ALA A 1 8.69 -11.24 13.69
CA ALA A 1 8.29 -12.35 12.83
C ALA A 1 9.13 -12.40 11.57
N LYS A 2 9.14 -13.56 10.91
CA LYS A 2 9.91 -13.74 9.69
C LYS A 2 9.10 -13.30 8.47
N ALA A 3 7.86 -13.78 8.38
CA ALA A 3 6.98 -13.44 7.27
C ALA A 3 6.64 -11.95 7.29
N CYS A 4 6.28 -11.42 6.12
CA CYS A 4 5.93 -10.01 5.99
C CYS A 4 4.82 -9.82 4.97
N THR A 5 4.14 -8.68 5.05
CA THR A 5 3.05 -8.37 4.13
C THR A 5 3.36 -7.11 3.32
N PRO A 6 4.15 -7.28 2.25
CA PRO A 6 4.53 -6.17 1.38
C PRO A 6 3.37 -5.66 0.55
N LEU A 7 3.66 -4.76 -0.38
CA LEU A 7 2.62 -4.18 -1.25
C LEU A 7 1.92 -5.28 -2.05
N LEU A 8 0.64 -5.08 -2.30
CA LEU A 8 -0.15 -6.05 -3.06
C LEU A 8 -0.29 -7.36 -2.29
N HIS A 9 -0.83 -7.28 -1.08
CA HIS A 9 -1.02 -8.46 -0.26
C HIS A 9 -2.27 -8.33 0.60
N ASP A 10 -2.65 -9.42 1.26
CA ASP A 10 -3.84 -9.43 2.11
C ASP A 10 -3.54 -8.80 3.46
N CYS A 11 -4.30 -7.77 3.82
CA CYS A 11 -4.12 -7.08 5.09
C CYS A 11 -5.45 -6.90 5.81
N SER A 12 -6.51 -7.47 5.23
CA SER A 12 -7.84 -7.36 5.81
C SER A 12 -7.87 -7.96 7.22
N HIS A 13 -6.96 -8.90 7.48
CA HIS A 13 -6.88 -9.56 8.77
C HIS A 13 -6.16 -8.67 9.79
N ASP A 14 -5.41 -7.69 9.28
CA ASP A 14 -4.67 -6.78 10.14
C ASP A 14 -4.15 -5.59 9.35
N ARG A 15 -4.53 -4.38 9.79
CA ARG A 15 -4.10 -3.16 9.13
C ARG A 15 -2.66 -2.81 9.49
N HIS A 16 -2.17 -3.40 10.57
CA HIS A 16 -0.81 -3.15 11.03
C HIS A 16 0.07 -4.38 10.81
N SER A 17 -0.19 -5.10 9.72
CA SER A 17 0.58 -6.29 9.40
C SER A 17 1.69 -5.99 8.40
N CYS A 18 1.40 -5.08 7.47
CA CYS A 18 2.36 -4.69 6.46
C CYS A 18 3.69 -4.25 7.10
N CYS A 19 4.79 -4.78 6.59
CA CYS A 19 6.10 -4.44 7.11
C CYS A 19 6.59 -3.11 6.54
N ARG A 20 7.66 -2.58 7.13
CA ARG A 20 8.22 -1.30 6.69
C ARG A 20 9.09 -1.50 5.46
N GLY A 21 9.20 -0.45 4.64
CA GLY A 21 10.01 -0.53 3.44
C GLY A 21 11.31 0.23 3.57
N ASP A 22 12.08 0.28 2.49
CA ASP A 22 13.35 0.98 2.47
C ASP A 22 13.14 2.49 2.30
N MET A 23 12.02 2.86 1.70
CA MET A 23 11.71 4.27 1.49
C MET A 23 10.57 4.72 2.40
N PHE A 24 9.46 3.98 2.36
CA PHE A 24 8.30 4.30 3.18
C PHE A 24 7.57 3.03 3.62
N LYS A 25 6.80 3.14 4.70
CA LYS A 25 6.06 2.00 5.22
C LYS A 25 4.73 1.83 4.48
N TYR A 26 4.31 0.59 4.31
CA TYR A 26 3.06 0.30 3.61
C TYR A 26 1.89 0.25 4.59
N VAL A 27 0.72 0.66 4.12
CA VAL A 27 -0.48 0.68 4.95
C VAL A 27 -1.55 -0.24 4.38
N CYS A 28 -2.67 -0.36 5.09
CA CYS A 28 -3.77 -1.20 4.66
C CYS A 28 -4.88 -0.37 4.02
N ASP A 29 -5.11 -0.59 2.74
CA ASP A 29 -6.14 0.15 2.00
C ASP A 29 -7.39 -0.72 1.81
N CYS A 30 -8.48 -0.31 2.45
CA CYS A 30 -9.74 -1.06 2.34
C CYS A 30 -10.69 -0.38 1.35
N PHE A 31 -11.35 -1.18 0.53
CA PHE A 31 -12.28 -0.66 -0.46
C PHE A 31 -13.46 -1.62 -0.65
N TYR A 32 -14.38 -1.23 -1.52
CA TYR A 32 -15.56 -2.06 -1.79
C TYR A 32 -15.96 -1.97 -3.27
N PRO A 33 -16.62 -3.02 -3.76
CA PRO A 33 -17.07 -3.10 -5.15
C PRO A 33 -18.20 -2.11 -5.45
N GLU A 34 -17.86 -0.84 -5.54
CA GLU A 34 -18.85 0.20 -5.83
C GLU A 34 -20.00 0.15 -4.81
N GLY A 35 -19.71 -0.36 -3.62
CA GLY A 35 -20.72 -0.46 -2.59
C GLY A 35 -20.20 -1.13 -1.34
N GLU A 36 -20.33 -0.44 -0.21
CA GLU A 36 -19.87 -0.97 1.07
C GLU A 36 -20.82 -2.04 1.59
N ASP A 37 -21.98 -2.16 0.94
CA ASP A 37 -22.98 -3.15 1.33
C ASP A 37 -22.85 -4.41 0.49
N LYS A 38 -21.64 -4.68 0.02
CA LYS A 38 -21.39 -5.86 -0.81
C LYS A 38 -20.27 -6.71 -0.20
N THR A 39 -19.04 -6.25 -0.34
CA THR A 39 -17.89 -6.97 0.19
C THR A 39 -16.73 -6.02 0.49
N GLU A 40 -16.05 -6.26 1.60
CA GLU A 40 -14.92 -5.43 1.99
C GLU A 40 -13.60 -6.05 1.55
N VAL A 41 -12.89 -5.36 0.66
CA VAL A 41 -11.61 -5.84 0.15
C VAL A 41 -10.48 -4.93 0.58
N CYS A 42 -9.54 -5.47 1.36
CA CYS A 42 -8.40 -4.71 1.83
C CYS A 42 -7.09 -5.30 1.30
N SER A 43 -6.17 -4.42 0.92
CA SER A 43 -4.88 -4.85 0.38
C SER A 43 -3.78 -3.88 0.80
N CYS A 44 -2.54 -4.37 0.83
CA CYS A 44 -1.39 -3.56 1.20
C CYS A 44 -1.12 -2.49 0.15
N GLN A 45 -1.26 -1.23 0.54
CA GLN A 45 -1.02 -0.11 -0.36
C GLN A 45 -0.38 1.06 0.37
N GLN A 46 0.01 2.09 -0.39
CA GLN A 46 0.64 3.26 0.19
C GLN A 46 -0.41 4.27 0.64
N PRO A 47 -0.12 4.95 1.78
CA PRO A 47 -1.03 5.95 2.34
C PRO A 47 -1.10 7.21 1.49
N LYS A 48 -2.26 7.86 1.50
CA LYS A 48 -2.47 9.08 0.73
C LYS A 48 -1.40 10.13 1.09
N SER A 49 -0.92 10.08 2.32
CA SER A 49 0.10 11.01 2.78
C SER A 49 1.41 10.81 2.03
N HIS A 50 1.88 9.57 2.01
CA HIS A 50 3.13 9.23 1.33
C HIS A 50 3.02 9.48 -0.17
N LYS A 51 1.87 9.11 -0.74
CA LYS A 51 1.63 9.28 -2.17
C LYS A 51 1.72 10.76 -2.55
N ILE A 52 0.88 11.58 -1.92
CA ILE A 52 0.87 13.01 -2.20
C ILE A 52 2.24 13.63 -1.99
N ALA A 53 2.87 13.31 -0.86
CA ALA A 53 4.19 13.83 -0.55
C ALA A 53 5.17 13.55 -1.68
N GLU A 54 5.33 12.28 -2.02
CA GLU A 54 6.24 11.89 -3.08
C GLU A 54 5.92 12.63 -4.37
N LYS A 55 4.64 12.72 -4.70
CA LYS A 55 4.20 13.42 -5.91
C LYS A 55 4.76 14.84 -5.96
N ILE A 56 4.52 15.59 -4.88
CA ILE A 56 4.99 16.97 -4.80
C ILE A 56 6.52 17.04 -4.95
N ILE A 57 7.22 16.32 -4.08
CA ILE A 57 8.67 16.29 -4.12
C ILE A 57 9.18 15.96 -5.51
N ASP A 58 8.73 14.83 -6.06
CA ASP A 58 9.14 14.41 -7.39
C ASP A 58 8.93 15.53 -8.40
N LYS A 59 7.77 16.17 -8.34
CA LYS A 59 7.44 17.26 -9.25
C LYS A 59 8.36 18.46 -9.03
N ALA A 60 8.77 18.66 -7.78
CA ALA A 60 9.66 19.76 -7.43
C ALA A 60 11.02 19.58 -8.07
N LYS A 61 11.59 18.39 -7.91
CA LYS A 61 12.90 18.08 -8.47
C LYS A 61 12.83 17.97 -9.99
N THR A 62 11.69 17.52 -10.49
CA THR A 62 11.49 17.36 -11.93
C THR A 62 11.30 18.71 -12.62
N THR A 63 10.83 19.69 -11.86
CA THR A 63 10.61 21.03 -12.39
C THR A 63 11.88 21.87 -12.33
N LEU A 64 12.63 21.72 -11.25
CA LEU A 64 13.88 22.46 -11.08
C LEU A 64 14.93 21.60 -10.37
N ALA A 1 6.60 -18.65 13.56
CA ALA A 1 6.58 -18.00 12.27
C ALA A 1 5.53 -16.89 12.22
N LYS A 2 5.92 -15.72 11.74
CA LYS A 2 5.01 -14.59 11.64
C LYS A 2 4.80 -14.18 10.18
N ALA A 3 3.62 -14.45 9.66
CA ALA A 3 3.29 -14.11 8.28
C ALA A 3 3.09 -12.61 8.12
N CYS A 4 3.81 -12.03 7.16
CA CYS A 4 3.71 -10.59 6.90
C CYS A 4 2.79 -10.31 5.71
N THR A 5 2.70 -9.04 5.33
CA THR A 5 1.86 -8.64 4.21
C THR A 5 2.55 -7.61 3.35
N PRO A 6 3.34 -8.08 2.36
CA PRO A 6 4.07 -7.20 1.45
C PRO A 6 3.15 -6.47 0.49
N LEU A 7 3.74 -5.78 -0.49
CA LEU A 7 2.97 -5.04 -1.48
C LEU A 7 2.13 -5.98 -2.34
N LEU A 8 0.92 -5.55 -2.67
CA LEU A 8 0.01 -6.36 -3.48
C LEU A 8 -0.40 -7.62 -2.75
N HIS A 9 -0.92 -7.46 -1.53
CA HIS A 9 -1.36 -8.59 -0.72
C HIS A 9 -2.60 -8.24 0.08
N ASP A 10 -3.25 -9.25 0.64
CA ASP A 10 -4.45 -9.05 1.44
C ASP A 10 -4.12 -8.37 2.77
N CYS A 11 -4.69 -7.20 2.99
CA CYS A 11 -4.45 -6.45 4.22
C CYS A 11 -5.77 -6.04 4.87
N SER A 12 -6.88 -6.44 4.26
CA SER A 12 -8.20 -6.11 4.77
C SER A 12 -8.38 -6.62 6.20
N HIS A 13 -7.66 -7.69 6.53
CA HIS A 13 -7.73 -8.27 7.86
C HIS A 13 -6.87 -7.49 8.85
N ASP A 14 -5.92 -6.73 8.32
CA ASP A 14 -5.03 -5.93 9.15
C ASP A 14 -4.36 -4.84 8.33
N ARG A 15 -4.66 -3.59 8.67
CA ARG A 15 -4.09 -2.44 7.96
C ARG A 15 -2.72 -2.08 8.54
N HIS A 16 -2.38 -2.69 9.67
CA HIS A 16 -1.10 -2.44 10.32
C HIS A 16 -0.26 -3.70 10.40
N SER A 17 -0.52 -4.64 9.48
CA SER A 17 0.21 -5.89 9.44
C SER A 17 1.30 -5.86 8.37
N CYS A 18 1.08 -5.04 7.34
CA CYS A 18 2.04 -4.92 6.26
C CYS A 18 3.44 -4.63 6.79
N CYS A 19 4.43 -5.37 6.29
CA CYS A 19 5.81 -5.20 6.72
C CYS A 19 6.24 -3.75 6.58
N ARG A 20 7.42 -3.43 7.10
CA ARG A 20 7.95 -2.07 7.04
C ARG A 20 8.57 -1.79 5.68
N GLY A 21 8.82 -0.51 5.40
CA GLY A 21 9.41 -0.13 4.13
C GLY A 21 10.83 0.40 4.27
N ASP A 22 11.57 0.41 3.17
CA ASP A 22 12.94 0.89 3.19
C ASP A 22 13.03 2.28 3.83
N MET A 23 12.00 3.09 3.62
CA MET A 23 11.95 4.43 4.17
C MET A 23 10.78 4.58 5.14
N PHE A 24 9.62 4.09 4.73
CA PHE A 24 8.42 4.17 5.55
C PHE A 24 7.53 2.94 5.35
N LYS A 25 6.92 2.48 6.44
CA LYS A 25 6.04 1.32 6.38
C LYS A 25 5.01 1.47 5.27
N TYR A 26 4.48 0.34 4.79
CA TYR A 26 3.48 0.35 3.74
C TYR A 26 2.10 0.73 4.29
N VAL A 27 1.19 1.11 3.39
CA VAL A 27 -0.16 1.47 3.79
C VAL A 27 -1.18 0.51 3.22
N CYS A 28 -2.28 0.32 3.95
CA CYS A 28 -3.35 -0.58 3.53
C CYS A 28 -4.47 0.18 2.84
N ASP A 29 -4.62 -0.03 1.54
CA ASP A 29 -5.66 0.63 0.77
C ASP A 29 -6.92 -0.23 0.69
N CYS A 30 -8.04 0.32 1.15
CA CYS A 30 -9.31 -0.38 1.13
C CYS A 30 -10.24 0.17 0.05
N PHE A 31 -11.09 -0.68 -0.48
CA PHE A 31 -12.03 -0.27 -1.53
C PHE A 31 -13.39 -0.96 -1.33
N TYR A 32 -14.43 -0.31 -1.82
CA TYR A 32 -15.79 -0.85 -1.70
C TYR A 32 -16.45 -0.95 -3.07
N PRO A 33 -16.08 -1.98 -3.84
CA PRO A 33 -16.63 -2.21 -5.18
C PRO A 33 -18.09 -2.65 -5.14
N GLU A 34 -18.99 -1.69 -4.88
CA GLU A 34 -20.42 -1.98 -4.81
C GLU A 34 -20.73 -2.91 -3.64
N GLY A 35 -19.93 -2.79 -2.58
CA GLY A 35 -20.13 -3.63 -1.40
C GLY A 35 -19.34 -3.15 -0.21
N GLU A 36 -19.82 -2.08 0.43
CA GLU A 36 -19.14 -1.52 1.59
C GLU A 36 -19.76 -2.06 2.89
N ASP A 37 -20.45 -3.19 2.79
CA ASP A 37 -21.08 -3.80 3.96
C ASP A 37 -20.37 -5.08 4.35
N LYS A 38 -20.28 -6.02 3.41
CA LYS A 38 -19.63 -7.30 3.66
C LYS A 38 -18.77 -7.72 2.47
N THR A 39 -18.38 -6.74 1.66
CA THR A 39 -17.57 -7.01 0.47
C THR A 39 -16.49 -5.95 0.30
N GLU A 40 -15.68 -5.74 1.34
CA GLU A 40 -14.62 -4.76 1.29
C GLU A 40 -13.32 -5.38 0.78
N VAL A 41 -12.80 -4.82 -0.31
CA VAL A 41 -11.56 -5.31 -0.90
C VAL A 41 -10.39 -4.39 -0.60
N CYS A 42 -9.44 -4.87 0.20
CA CYS A 42 -8.27 -4.08 0.56
C CYS A 42 -6.99 -4.75 0.07
N SER A 43 -5.96 -3.95 -0.16
CA SER A 43 -4.68 -4.46 -0.63
C SER A 43 -3.52 -3.61 -0.11
N CYS A 44 -2.36 -4.23 0.06
CA CYS A 44 -1.19 -3.52 0.55
C CYS A 44 -0.60 -2.62 -0.54
N GLN A 45 -0.37 -1.35 -0.20
CA GLN A 45 0.17 -0.39 -1.14
C GLN A 45 1.18 0.53 -0.46
N GLN A 46 1.83 1.38 -1.24
CA GLN A 46 2.81 2.32 -0.71
C GLN A 46 2.18 3.68 -0.44
N PRO A 47 2.67 4.36 0.60
CA PRO A 47 2.17 5.68 0.99
C PRO A 47 2.54 6.76 -0.02
N LYS A 48 1.97 7.95 0.15
CA LYS A 48 2.25 9.07 -0.74
C LYS A 48 3.73 9.40 -0.76
N SER A 49 4.41 9.11 0.35
CA SER A 49 5.84 9.38 0.45
C SER A 49 6.64 8.46 -0.46
N HIS A 50 6.44 7.16 -0.30
CA HIS A 50 7.14 6.17 -1.12
C HIS A 50 6.82 6.35 -2.60
N LYS A 51 5.55 6.66 -2.89
CA LYS A 51 5.11 6.87 -4.26
C LYS A 51 5.79 8.08 -4.88
N ILE A 52 5.52 9.26 -4.32
CA ILE A 52 6.11 10.50 -4.82
C ILE A 52 7.64 10.40 -4.88
N ALA A 53 8.23 9.81 -3.84
CA ALA A 53 9.67 9.65 -3.78
C ALA A 53 10.19 8.84 -4.97
N GLU A 54 9.68 7.62 -5.11
CA GLU A 54 10.09 6.75 -6.20
C GLU A 54 9.90 7.44 -7.55
N LYS A 55 8.83 8.21 -7.67
CA LYS A 55 8.53 8.93 -8.90
C LYS A 55 9.64 9.93 -9.23
N ILE A 56 9.93 10.81 -8.27
CA ILE A 56 10.96 11.83 -8.46
C ILE A 56 12.30 11.18 -8.81
N ILE A 57 12.71 10.21 -8.02
CA ILE A 57 13.97 9.51 -8.25
C ILE A 57 14.00 8.88 -9.63
N ASP A 58 13.00 8.04 -9.91
CA ASP A 58 12.92 7.37 -11.21
C ASP A 58 13.00 8.38 -12.35
N LYS A 59 12.21 9.44 -12.26
CA LYS A 59 12.20 10.48 -13.27
C LYS A 59 13.57 11.13 -13.41
N ALA A 60 14.28 11.27 -12.29
CA ALA A 60 15.60 11.87 -12.29
C ALA A 60 16.59 11.02 -13.07
N LYS A 61 16.63 9.73 -12.75
CA LYS A 61 17.53 8.80 -13.43
C LYS A 61 17.22 8.72 -14.93
N THR A 62 15.94 8.57 -15.24
CA THR A 62 15.50 8.48 -16.64
C THR A 62 16.07 7.24 -17.31
N THR A 63 16.56 6.30 -16.51
CA THR A 63 17.14 5.07 -17.02
C THR A 63 16.07 4.01 -17.24
N LEU A 64 14.97 4.13 -16.50
CA LEU A 64 13.87 3.17 -16.62
C LEU A 64 12.81 3.68 -17.59
N ALA A 1 10.62 -17.68 6.27
CA ALA A 1 10.83 -16.92 5.04
C ALA A 1 9.54 -16.30 4.55
N LYS A 2 9.65 -15.11 3.95
CA LYS A 2 8.48 -14.41 3.42
C LYS A 2 7.41 -14.24 4.50
N ALA A 3 7.86 -13.99 5.73
CA ALA A 3 6.93 -13.81 6.85
C ALA A 3 6.50 -12.36 6.98
N CYS A 4 6.43 -11.66 5.84
CA CYS A 4 6.02 -10.27 5.82
C CYS A 4 4.89 -10.04 4.82
N THR A 5 4.18 -8.93 4.98
CA THR A 5 3.07 -8.60 4.09
C THR A 5 3.38 -7.37 3.26
N PRO A 6 4.18 -7.56 2.19
CA PRO A 6 4.57 -6.48 1.29
C PRO A 6 3.41 -5.97 0.46
N LEU A 7 3.71 -5.14 -0.55
CA LEU A 7 2.69 -4.59 -1.42
C LEU A 7 1.91 -5.70 -2.11
N LEU A 8 0.65 -5.42 -2.42
CA LEU A 8 -0.22 -6.40 -3.08
C LEU A 8 -0.36 -7.66 -2.24
N HIS A 9 -0.90 -7.50 -1.04
CA HIS A 9 -1.10 -8.63 -0.13
C HIS A 9 -2.39 -8.46 0.68
N ASP A 10 -2.79 -9.52 1.35
CA ASP A 10 -4.00 -9.49 2.16
C ASP A 10 -3.75 -8.78 3.50
N CYS A 11 -4.47 -7.69 3.72
CA CYS A 11 -4.33 -6.93 4.95
C CYS A 11 -5.68 -6.66 5.59
N SER A 12 -6.74 -7.21 5.00
CA SER A 12 -8.10 -7.04 5.51
C SER A 12 -8.19 -7.49 6.96
N HIS A 13 -7.50 -8.58 7.28
CA HIS A 13 -7.50 -9.12 8.64
C HIS A 13 -6.53 -8.36 9.52
N ASP A 14 -5.64 -7.60 8.89
CA ASP A 14 -4.64 -6.82 9.63
C ASP A 14 -4.14 -5.65 8.78
N ARG A 15 -4.45 -4.44 9.20
CA ARG A 15 -4.02 -3.24 8.48
C ARG A 15 -2.62 -2.84 8.89
N HIS A 16 -2.17 -3.33 10.04
CA HIS A 16 -0.84 -3.01 10.54
C HIS A 16 0.09 -4.22 10.42
N SER A 17 -0.23 -5.11 9.49
CA SER A 17 0.57 -6.31 9.27
C SER A 17 1.72 -6.04 8.31
N CYS A 18 1.45 -5.21 7.30
CA CYS A 18 2.46 -4.86 6.30
C CYS A 18 3.73 -4.36 6.98
N CYS A 19 4.87 -4.90 6.54
CA CYS A 19 6.16 -4.52 7.11
C CYS A 19 6.64 -3.20 6.50
N ARG A 20 7.54 -2.53 7.22
CA ARG A 20 8.08 -1.25 6.76
C ARG A 20 8.78 -1.42 5.41
N GLY A 21 9.16 -0.30 4.81
CA GLY A 21 9.84 -0.33 3.52
C GLY A 21 11.27 0.14 3.60
N ASP A 22 11.80 0.62 2.49
CA ASP A 22 13.18 1.11 2.44
C ASP A 22 13.28 2.51 3.02
N MET A 23 12.24 3.31 2.81
CA MET A 23 12.21 4.67 3.32
C MET A 23 11.04 4.88 4.27
N PHE A 24 9.86 4.44 3.85
CA PHE A 24 8.65 4.58 4.66
C PHE A 24 7.90 3.26 4.73
N LYS A 25 6.99 3.16 5.70
CA LYS A 25 6.20 1.95 5.88
C LYS A 25 4.98 1.96 4.96
N TYR A 26 4.59 0.79 4.48
CA TYR A 26 3.45 0.66 3.59
C TYR A 26 2.13 0.87 4.36
N VAL A 27 1.05 1.07 3.62
CA VAL A 27 -0.25 1.29 4.22
C VAL A 27 -1.28 0.31 3.66
N CYS A 28 -2.25 -0.06 4.49
CA CYS A 28 -3.30 -0.98 4.08
C CYS A 28 -4.52 -0.24 3.55
N ASP A 29 -4.85 -0.47 2.29
CA ASP A 29 -5.99 0.18 1.67
C ASP A 29 -7.22 -0.72 1.72
N CYS A 30 -8.41 -0.10 1.66
CA CYS A 30 -9.66 -0.85 1.70
C CYS A 30 -10.66 -0.28 0.70
N PHE A 31 -11.36 -1.18 0.01
CA PHE A 31 -12.35 -0.77 -0.98
C PHE A 31 -13.54 -1.73 -1.00
N TYR A 32 -14.57 -1.38 -1.76
CA TYR A 32 -15.76 -2.21 -1.86
C TYR A 32 -16.29 -2.23 -3.29
N PRO A 33 -17.00 -3.31 -3.63
CA PRO A 33 -17.58 -3.48 -4.97
C PRO A 33 -18.74 -2.52 -5.23
N GLU A 34 -18.41 -1.25 -5.44
CA GLU A 34 -19.42 -0.24 -5.71
C GLU A 34 -20.44 -0.18 -4.58
N GLY A 35 -20.03 -0.62 -3.39
CA GLY A 35 -20.91 -0.62 -2.25
C GLY A 35 -20.29 -1.28 -1.03
N GLU A 36 -20.25 -0.54 0.08
CA GLU A 36 -19.67 -1.06 1.31
C GLU A 36 -20.64 -2.04 2.00
N ASP A 37 -21.85 -2.13 1.46
CA ASP A 37 -22.87 -3.02 2.01
C ASP A 37 -22.81 -4.39 1.36
N LYS A 38 -21.73 -4.64 0.61
CA LYS A 38 -21.55 -5.91 -0.08
C LYS A 38 -20.39 -6.69 0.52
N THR A 39 -19.17 -6.24 0.23
CA THR A 39 -17.97 -6.91 0.75
C THR A 39 -16.82 -5.92 0.85
N GLU A 40 -16.02 -6.07 1.91
CA GLU A 40 -14.87 -5.20 2.13
C GLU A 40 -13.57 -5.88 1.68
N VAL A 41 -12.92 -5.31 0.68
CA VAL A 41 -11.68 -5.87 0.16
C VAL A 41 -10.51 -4.92 0.42
N CYS A 42 -9.55 -5.39 1.20
CA CYS A 42 -8.38 -4.59 1.54
C CYS A 42 -7.10 -5.23 0.99
N SER A 43 -6.13 -4.40 0.65
CA SER A 43 -4.86 -4.88 0.11
C SER A 43 -3.72 -3.94 0.47
N CYS A 44 -2.51 -4.49 0.56
CA CYS A 44 -1.33 -3.70 0.91
C CYS A 44 -0.99 -2.72 -0.21
N GLN A 45 -0.83 -1.45 0.15
CA GLN A 45 -0.51 -0.42 -0.83
C GLN A 45 0.50 0.57 -0.25
N GLN A 46 1.03 1.43 -1.10
CA GLN A 46 2.01 2.44 -0.67
C GLN A 46 1.32 3.76 -0.39
N PRO A 47 1.85 4.51 0.59
CA PRO A 47 1.31 5.80 0.99
C PRO A 47 1.54 6.88 -0.08
N LYS A 48 0.97 8.06 0.14
CA LYS A 48 1.12 9.17 -0.79
C LYS A 48 2.58 9.54 -0.98
N SER A 49 3.38 9.29 0.06
CA SER A 49 4.81 9.60 0.00
C SER A 49 5.53 8.68 -0.98
N HIS A 50 5.44 7.38 -0.73
CA HIS A 50 6.08 6.39 -1.60
C HIS A 50 5.58 6.51 -3.03
N LYS A 51 4.28 6.77 -3.17
CA LYS A 51 3.67 6.92 -4.49
C LYS A 51 4.26 8.11 -5.24
N ILE A 52 4.06 9.30 -4.69
CA ILE A 52 4.57 10.52 -5.30
C ILE A 52 6.07 10.42 -5.56
N ALA A 53 6.81 9.99 -4.54
CA ALA A 53 8.26 9.84 -4.65
C ALA A 53 8.63 8.99 -5.85
N GLU A 54 8.08 7.78 -5.91
CA GLU A 54 8.36 6.86 -7.01
C GLU A 54 8.04 7.52 -8.35
N LYS A 55 6.91 8.20 -8.42
CA LYS A 55 6.49 8.87 -9.64
C LYS A 55 7.57 9.84 -10.13
N ILE A 56 8.01 10.72 -9.23
CA ILE A 56 9.04 11.70 -9.58
C ILE A 56 10.32 11.01 -10.04
N ILE A 57 10.86 10.15 -9.19
CA ILE A 57 12.08 9.42 -9.51
C ILE A 57 11.96 8.71 -10.86
N ASP A 58 10.77 8.25 -11.18
CA ASP A 58 10.51 7.56 -12.44
C ASP A 58 10.63 8.53 -13.61
N LYS A 59 9.80 9.56 -13.60
CA LYS A 59 9.81 10.55 -14.67
C LYS A 59 11.17 11.21 -14.79
N ALA A 60 11.93 11.22 -13.69
CA ALA A 60 13.26 11.81 -13.67
C ALA A 60 14.27 10.91 -14.37
N LYS A 61 14.40 9.68 -13.87
CA LYS A 61 15.33 8.72 -14.44
C LYS A 61 14.95 8.36 -15.87
N THR A 62 13.66 8.46 -16.17
CA THR A 62 13.15 8.14 -17.50
C THR A 62 13.47 9.26 -18.48
N THR A 63 13.54 10.49 -17.99
CA THR A 63 13.85 11.64 -18.82
C THR A 63 15.35 11.87 -18.92
N LEU A 64 16.08 11.44 -17.89
CA LEU A 64 17.53 11.59 -17.88
C LEU A 64 17.93 13.03 -18.15
N ALA A 1 10.95 -14.26 10.01
CA ALA A 1 10.71 -15.60 9.50
C ALA A 1 9.21 -15.85 9.34
N LYS A 2 8.39 -15.01 9.95
CA LYS A 2 6.95 -15.14 9.88
C LYS A 2 6.40 -14.44 8.64
N ALA A 3 5.37 -15.02 8.04
CA ALA A 3 4.76 -14.45 6.85
C ALA A 3 4.04 -13.14 7.17
N CYS A 4 4.55 -12.04 6.63
CA CYS A 4 3.96 -10.72 6.86
C CYS A 4 3.11 -10.30 5.66
N THR A 5 2.62 -9.06 5.71
CA THR A 5 1.78 -8.52 4.65
C THR A 5 2.51 -7.44 3.88
N PRO A 6 3.39 -7.85 2.95
CA PRO A 6 4.16 -6.92 2.12
C PRO A 6 3.29 -6.17 1.12
N LEU A 7 3.94 -5.48 0.18
CA LEU A 7 3.22 -4.72 -0.84
C LEU A 7 2.43 -5.65 -1.76
N LEU A 8 1.19 -5.26 -2.05
CA LEU A 8 0.32 -6.05 -2.91
C LEU A 8 -0.03 -7.38 -2.25
N HIS A 9 -0.55 -7.31 -1.03
CA HIS A 9 -0.93 -8.50 -0.28
C HIS A 9 -2.19 -8.24 0.55
N ASP A 10 -2.79 -9.31 1.06
CA ASP A 10 -4.00 -9.19 1.87
C ASP A 10 -3.72 -8.47 3.18
N CYS A 11 -4.35 -7.32 3.36
CA CYS A 11 -4.17 -6.53 4.58
C CYS A 11 -5.49 -6.36 5.33
N SER A 12 -6.52 -7.02 4.83
CA SER A 12 -7.84 -6.94 5.45
C SER A 12 -7.77 -7.30 6.94
N HIS A 13 -7.06 -8.38 7.25
CA HIS A 13 -6.91 -8.82 8.63
C HIS A 13 -5.60 -8.31 9.23
N ASP A 14 -5.02 -7.31 8.57
CA ASP A 14 -3.76 -6.72 9.04
C ASP A 14 -3.62 -5.29 8.54
N ARG A 15 -3.89 -4.33 9.43
CA ARG A 15 -3.80 -2.92 9.07
C ARG A 15 -2.37 -2.41 9.25
N HIS A 16 -1.92 -2.35 10.50
CA HIS A 16 -0.57 -1.88 10.80
C HIS A 16 0.40 -3.05 10.92
N SER A 17 0.08 -4.14 10.23
CA SER A 17 0.92 -5.33 10.27
C SER A 17 1.80 -5.41 9.01
N CYS A 18 1.45 -4.63 8.00
CA CYS A 18 2.19 -4.62 6.75
C CYS A 18 3.68 -4.41 7.02
N CYS A 19 4.51 -5.09 6.24
CA CYS A 19 5.96 -4.99 6.38
C CYS A 19 6.45 -3.59 6.04
N ARG A 20 7.74 -3.34 6.25
CA ARG A 20 8.33 -2.04 5.96
C ARG A 20 8.60 -1.89 4.47
N GLY A 21 8.91 -0.67 4.04
CA GLY A 21 9.19 -0.42 2.64
C GLY A 21 10.64 -0.02 2.41
N ASP A 22 10.87 0.78 1.36
CA ASP A 22 12.21 1.23 1.03
C ASP A 22 12.63 2.39 1.93
N MET A 23 11.67 3.24 2.30
CA MET A 23 11.95 4.38 3.15
C MET A 23 11.00 4.40 4.35
N PHE A 24 9.74 4.08 4.11
CA PHE A 24 8.73 4.07 5.17
C PHE A 24 7.90 2.78 5.11
N LYS A 25 7.01 2.62 6.07
CA LYS A 25 6.15 1.44 6.14
C LYS A 25 4.95 1.59 5.20
N TYR A 26 4.52 0.48 4.62
CA TYR A 26 3.39 0.47 3.71
C TYR A 26 2.08 0.68 4.46
N VAL A 27 1.05 1.15 3.75
CA VAL A 27 -0.25 1.38 4.35
C VAL A 27 -1.31 0.46 3.75
N CYS A 28 -2.29 0.09 4.56
CA CYS A 28 -3.36 -0.79 4.11
C CYS A 28 -4.53 0.02 3.54
N ASP A 29 -4.95 -0.33 2.33
CA ASP A 29 -6.04 0.36 1.68
C ASP A 29 -7.22 -0.58 1.45
N CYS A 30 -8.41 -0.16 1.90
CA CYS A 30 -9.61 -0.96 1.75
C CYS A 30 -10.55 -0.34 0.72
N PHE A 31 -11.23 -1.21 -0.05
CA PHE A 31 -12.16 -0.75 -1.07
C PHE A 31 -13.35 -1.70 -1.18
N TYR A 32 -14.48 -1.16 -1.62
CA TYR A 32 -15.69 -1.96 -1.77
C TYR A 32 -16.33 -1.73 -3.14
N PRO A 33 -17.10 -2.73 -3.60
CA PRO A 33 -17.77 -2.67 -4.90
C PRO A 33 -18.92 -1.66 -4.92
N GLU A 34 -18.57 -0.38 -4.95
CA GLU A 34 -19.56 0.68 -4.97
C GLU A 34 -20.48 0.58 -3.75
N GLY A 35 -19.98 -0.06 -2.70
CA GLY A 35 -20.78 -0.21 -1.48
C GLY A 35 -20.19 -1.25 -0.55
N GLU A 36 -20.40 -1.05 0.75
CA GLU A 36 -19.89 -1.98 1.75
C GLU A 36 -20.97 -2.99 2.16
N ASP A 37 -21.88 -3.28 1.23
CA ASP A 37 -22.95 -4.22 1.49
C ASP A 37 -22.76 -5.51 0.69
N LYS A 38 -21.55 -5.70 0.18
CA LYS A 38 -21.23 -6.88 -0.61
C LYS A 38 -19.97 -7.56 -0.08
N THR A 39 -18.82 -6.98 -0.36
CA THR A 39 -17.54 -7.54 0.11
C THR A 39 -16.48 -6.45 0.22
N GLU A 40 -15.69 -6.51 1.29
CA GLU A 40 -14.63 -5.53 1.52
C GLU A 40 -13.27 -6.09 1.10
N VAL A 41 -12.69 -5.49 0.07
CA VAL A 41 -11.39 -5.93 -0.43
C VAL A 41 -10.29 -4.95 -0.03
N CYS A 42 -9.33 -5.42 0.73
CA CYS A 42 -8.21 -4.59 1.18
C CYS A 42 -6.87 -5.16 0.70
N SER A 43 -5.92 -4.28 0.45
CA SER A 43 -4.60 -4.68 -0.01
C SER A 43 -3.53 -3.71 0.46
N CYS A 44 -2.31 -4.21 0.63
CA CYS A 44 -1.20 -3.39 1.08
C CYS A 44 -0.69 -2.49 -0.04
N GLN A 45 -0.61 -1.19 0.24
CA GLN A 45 -0.14 -0.22 -0.75
C GLN A 45 0.84 0.76 -0.12
N GLN A 46 1.27 1.73 -0.92
CA GLN A 46 2.21 2.74 -0.45
C GLN A 46 1.47 4.00 0.02
N PRO A 47 2.00 4.65 1.06
CA PRO A 47 1.41 5.87 1.61
C PRO A 47 1.54 7.06 0.66
N LYS A 48 0.87 8.16 1.01
CA LYS A 48 0.92 9.37 0.20
C LYS A 48 2.35 9.84 0.01
N SER A 49 3.20 9.57 0.99
CA SER A 49 4.60 9.97 0.93
C SER A 49 5.33 9.21 -0.16
N HIS A 50 5.30 7.89 -0.08
CA HIS A 50 5.97 7.05 -1.07
C HIS A 50 5.44 7.34 -2.48
N LYS A 51 4.13 7.49 -2.60
CA LYS A 51 3.50 7.77 -3.87
C LYS A 51 4.02 9.08 -4.46
N ILE A 52 3.79 10.17 -3.74
CA ILE A 52 4.24 11.48 -4.18
C ILE A 52 5.75 11.49 -4.45
N ALA A 53 6.50 10.92 -3.52
CA ALA A 53 7.96 10.86 -3.65
C ALA A 53 8.36 10.19 -4.96
N GLU A 54 7.86 8.98 -5.18
CA GLU A 54 8.17 8.24 -6.39
C GLU A 54 7.81 9.04 -7.64
N LYS A 55 6.64 9.66 -7.61
CA LYS A 55 6.17 10.47 -8.73
C LYS A 55 7.17 11.58 -9.05
N ILE A 56 7.63 12.27 -8.02
CA ILE A 56 8.60 13.35 -8.20
C ILE A 56 9.90 12.83 -8.79
N ILE A 57 10.50 11.85 -8.12
CA ILE A 57 11.75 11.26 -8.58
C ILE A 57 11.64 10.81 -10.03
N ASP A 58 10.52 10.20 -10.38
CA ASP A 58 10.29 9.72 -11.74
C ASP A 58 10.30 10.88 -12.74
N LYS A 59 9.43 11.85 -12.50
CA LYS A 59 9.33 13.02 -13.37
C LYS A 59 10.65 13.78 -13.40
N ALA A 60 11.44 13.66 -12.34
CA ALA A 60 12.72 14.33 -12.25
C ALA A 60 13.75 13.69 -13.19
N LYS A 61 13.88 12.37 -13.10
CA LYS A 61 14.82 11.64 -13.93
C LYS A 61 14.32 11.57 -15.37
N THR A 62 13.01 11.66 -15.55
CA THR A 62 12.40 11.61 -16.88
C THR A 62 12.60 12.93 -17.62
N THR A 63 12.71 14.01 -16.86
CA THR A 63 12.90 15.34 -17.45
C THR A 63 14.36 15.75 -17.44
N LEU A 64 15.13 15.18 -16.52
CA LEU A 64 16.54 15.47 -16.40
C LEU A 64 16.79 16.98 -16.32
N ALA A 1 2.72 -16.30 12.68
CA ALA A 1 3.26 -16.63 11.37
C ALA A 1 4.58 -15.89 11.14
N LYS A 2 5.35 -16.37 10.16
CA LYS A 2 6.63 -15.76 9.83
C LYS A 2 6.50 -14.82 8.65
N ALA A 3 5.60 -15.16 7.73
CA ALA A 3 5.37 -14.33 6.54
C ALA A 3 4.57 -13.08 6.89
N CYS A 4 5.00 -11.94 6.34
CA CYS A 4 4.32 -10.68 6.60
C CYS A 4 3.39 -10.32 5.44
N THR A 5 2.81 -9.12 5.50
CA THR A 5 1.90 -8.65 4.46
C THR A 5 2.53 -7.53 3.65
N PRO A 6 3.36 -7.91 2.66
CA PRO A 6 4.03 -6.95 1.78
C PRO A 6 3.07 -6.24 0.85
N LEU A 7 3.62 -5.46 -0.10
CA LEU A 7 2.81 -4.73 -1.05
C LEU A 7 2.06 -5.69 -1.98
N LEU A 8 0.82 -5.31 -2.32
CA LEU A 8 0.00 -6.14 -3.20
C LEU A 8 -0.36 -7.46 -2.52
N HIS A 9 -0.87 -7.38 -1.30
CA HIS A 9 -1.26 -8.57 -0.56
C HIS A 9 -2.49 -8.29 0.31
N ASP A 10 -3.11 -9.36 0.80
CA ASP A 10 -4.29 -9.23 1.64
C ASP A 10 -3.95 -8.56 2.97
N CYS A 11 -4.45 -7.35 3.16
CA CYS A 11 -4.19 -6.60 4.38
C CYS A 11 -5.48 -6.40 5.18
N SER A 12 -6.56 -7.04 4.72
CA SER A 12 -7.85 -6.94 5.39
C SER A 12 -7.72 -7.21 6.87
N HIS A 13 -7.04 -8.30 7.21
CA HIS A 13 -6.84 -8.69 8.60
C HIS A 13 -5.51 -8.15 9.13
N ASP A 14 -4.95 -7.17 8.43
CA ASP A 14 -3.69 -6.58 8.83
C ASP A 14 -3.62 -5.12 8.40
N ARG A 15 -3.90 -4.21 9.34
CA ARG A 15 -3.87 -2.78 9.06
C ARG A 15 -2.45 -2.27 9.00
N HIS A 16 -1.82 -2.14 10.17
CA HIS A 16 -0.44 -1.66 10.25
C HIS A 16 0.53 -2.83 10.45
N SER A 17 0.15 -4.00 9.94
CA SER A 17 0.99 -5.18 10.06
C SER A 17 1.82 -5.39 8.80
N CYS A 18 1.52 -4.62 7.76
CA CYS A 18 2.24 -4.72 6.50
C CYS A 18 3.74 -4.61 6.73
N CYS A 19 4.51 -5.15 5.78
CA CYS A 19 5.96 -5.11 5.88
C CYS A 19 6.48 -3.69 5.76
N ARG A 20 7.66 -3.43 6.34
CA ARG A 20 8.26 -2.11 6.30
C ARG A 20 8.97 -1.88 4.96
N GLY A 21 9.04 -0.62 4.56
CA GLY A 21 9.69 -0.28 3.30
C GLY A 21 11.11 0.22 3.48
N ASP A 22 11.72 0.72 2.41
CA ASP A 22 13.08 1.23 2.46
C ASP A 22 13.12 2.61 3.10
N MET A 23 12.01 3.33 3.00
CA MET A 23 11.91 4.67 3.57
C MET A 23 10.83 4.73 4.64
N PHE A 24 9.63 4.25 4.29
CA PHE A 24 8.51 4.25 5.21
C PHE A 24 7.62 3.02 5.00
N LYS A 25 7.11 2.47 6.09
CA LYS A 25 6.25 1.30 6.02
C LYS A 25 5.11 1.51 5.03
N TYR A 26 4.46 0.42 4.64
CA TYR A 26 3.34 0.50 3.71
C TYR A 26 2.03 0.70 4.43
N VAL A 27 1.01 1.14 3.70
CA VAL A 27 -0.31 1.37 4.27
C VAL A 27 -1.34 0.43 3.69
N CYS A 28 -2.34 0.07 4.49
CA CYS A 28 -3.39 -0.83 4.05
C CYS A 28 -4.59 -0.05 3.51
N ASP A 29 -4.96 -0.34 2.27
CA ASP A 29 -6.10 0.33 1.63
C ASP A 29 -7.29 -0.61 1.51
N CYS A 30 -8.45 -0.16 1.99
CA CYS A 30 -9.66 -0.97 1.92
C CYS A 30 -10.65 -0.39 0.93
N PHE A 31 -11.34 -1.26 0.20
CA PHE A 31 -12.32 -0.83 -0.79
C PHE A 31 -13.48 -1.81 -0.86
N TYR A 32 -14.51 -1.44 -1.63
CA TYR A 32 -15.69 -2.28 -1.77
C TYR A 32 -16.25 -2.19 -3.19
N PRO A 33 -16.95 -3.26 -3.61
CA PRO A 33 -17.56 -3.32 -4.94
C PRO A 33 -18.73 -2.36 -5.10
N GLU A 34 -18.42 -1.07 -5.22
CA GLU A 34 -19.46 -0.06 -5.38
C GLU A 34 -20.45 -0.10 -4.23
N GLY A 35 -20.00 -0.63 -3.09
CA GLY A 35 -20.85 -0.73 -1.92
C GLY A 35 -20.20 -1.47 -0.78
N GLU A 36 -20.18 -0.85 0.40
CA GLU A 36 -19.58 -1.46 1.58
C GLU A 36 -20.50 -2.53 2.17
N ASP A 37 -21.70 -2.64 1.62
CA ASP A 37 -22.67 -3.62 2.09
C ASP A 37 -22.61 -4.90 1.24
N LYS A 38 -21.46 -5.13 0.62
CA LYS A 38 -21.28 -6.31 -0.23
C LYS A 38 -20.09 -7.12 0.25
N THR A 39 -18.88 -6.63 -0.04
CA THR A 39 -17.66 -7.31 0.35
C THR A 39 -16.52 -6.33 0.57
N GLU A 40 -15.82 -6.48 1.69
CA GLU A 40 -14.70 -5.60 2.00
C GLU A 40 -13.38 -6.18 1.49
N VAL A 41 -12.81 -5.52 0.48
CA VAL A 41 -11.56 -5.96 -0.11
C VAL A 41 -10.44 -4.97 0.17
N CYS A 42 -9.45 -5.41 0.94
CA CYS A 42 -8.31 -4.56 1.28
C CYS A 42 -7.01 -5.11 0.71
N SER A 43 -6.06 -4.23 0.44
CA SER A 43 -4.78 -4.64 -0.13
C SER A 43 -3.66 -3.69 0.33
N CYS A 44 -2.47 -4.24 0.51
CA CYS A 44 -1.33 -3.44 0.95
C CYS A 44 -0.86 -2.52 -0.18
N GLN A 45 -0.66 -1.25 0.16
CA GLN A 45 -0.21 -0.26 -0.82
C GLN A 45 0.75 0.74 -0.19
N GLN A 46 1.25 1.66 -1.00
CA GLN A 46 2.18 2.67 -0.52
C GLN A 46 1.45 3.96 -0.17
N PRO A 47 1.94 4.67 0.86
CA PRO A 47 1.34 5.93 1.31
C PRO A 47 1.55 7.06 0.32
N LYS A 48 0.81 8.15 0.51
CA LYS A 48 0.92 9.31 -0.38
C LYS A 48 2.36 9.79 -0.49
N SER A 49 3.14 9.55 0.56
CA SER A 49 4.54 9.96 0.57
C SER A 49 5.36 9.13 -0.42
N HIS A 50 5.33 7.82 -0.24
CA HIS A 50 6.07 6.91 -1.11
C HIS A 50 5.65 7.08 -2.57
N LYS A 51 4.35 7.31 -2.77
CA LYS A 51 3.80 7.49 -4.11
C LYS A 51 4.35 8.76 -4.74
N ILE A 52 4.08 9.89 -4.12
CA ILE A 52 4.55 11.18 -4.63
C ILE A 52 6.06 11.18 -4.80
N ALA A 53 6.76 10.79 -3.74
CA ALA A 53 8.23 10.74 -3.77
C ALA A 53 8.73 9.92 -4.94
N GLU A 54 8.20 8.71 -5.08
CA GLU A 54 8.58 7.81 -6.15
C GLU A 54 8.34 8.46 -7.51
N LYS A 55 7.22 9.14 -7.63
CA LYS A 55 6.86 9.82 -8.88
C LYS A 55 7.89 10.89 -9.24
N ILE A 56 8.27 11.69 -8.25
CA ILE A 56 9.26 12.75 -8.47
C ILE A 56 10.59 12.17 -8.90
N ILE A 57 11.13 11.26 -8.08
CA ILE A 57 12.41 10.63 -8.38
C ILE A 57 12.39 9.98 -9.76
N ASP A 58 11.31 9.28 -10.07
CA ASP A 58 11.17 8.61 -11.35
C ASP A 58 11.15 9.63 -12.50
N LYS A 59 10.35 10.67 -12.35
CA LYS A 59 10.25 11.71 -13.36
C LYS A 59 11.61 12.38 -13.60
N ALA A 60 12.30 12.68 -12.50
CA ALA A 60 13.62 13.31 -12.58
C ALA A 60 14.63 12.39 -13.23
N LYS A 61 14.83 11.22 -12.64
CA LYS A 61 15.79 10.25 -13.16
C LYS A 61 15.50 9.93 -14.62
N THR A 62 14.25 9.57 -14.90
CA THR A 62 13.84 9.24 -16.26
C THR A 62 14.59 8.02 -16.79
N THR A 63 15.21 7.28 -15.87
CA THR A 63 15.97 6.09 -16.24
C THR A 63 15.12 4.83 -16.10
N LEU A 64 14.24 4.82 -15.10
CA LEU A 64 13.37 3.68 -14.86
C LEU A 64 12.01 3.87 -15.51
N ALA A 1 10.96 -16.87 12.87
CA ALA A 1 10.68 -15.87 11.84
C ALA A 1 9.19 -15.59 11.75
N LYS A 2 8.83 -14.62 10.92
CA LYS A 2 7.43 -14.25 10.73
C LYS A 2 7.18 -13.76 9.32
N ALA A 3 6.05 -14.15 8.75
CA ALA A 3 5.68 -13.74 7.39
C ALA A 3 5.27 -12.28 7.36
N CYS A 4 5.83 -11.53 6.40
CA CYS A 4 5.51 -10.11 6.27
C CYS A 4 4.46 -9.89 5.17
N THR A 5 3.84 -8.72 5.18
CA THR A 5 2.81 -8.39 4.19
C THR A 5 3.21 -7.15 3.39
N PRO A 6 4.05 -7.36 2.36
CA PRO A 6 4.52 -6.28 1.50
C PRO A 6 3.41 -5.73 0.60
N LEU A 7 3.78 -4.89 -0.35
CA LEU A 7 2.82 -4.29 -1.26
C LEU A 7 2.11 -5.37 -2.09
N LEU A 8 0.84 -5.11 -2.42
CA LEU A 8 0.06 -6.05 -3.20
C LEU A 8 -0.17 -7.34 -2.42
N HIS A 9 -0.74 -7.23 -1.23
CA HIS A 9 -1.00 -8.39 -0.39
C HIS A 9 -2.30 -8.21 0.40
N ASP A 10 -2.78 -9.28 1.00
CA ASP A 10 -4.01 -9.24 1.79
C ASP A 10 -3.75 -8.59 3.15
N CYS A 11 -4.47 -7.51 3.42
CA CYS A 11 -4.31 -6.79 4.68
C CYS A 11 -5.68 -6.53 5.32
N SER A 12 -6.73 -7.03 4.68
CA SER A 12 -8.08 -6.86 5.19
C SER A 12 -8.24 -7.46 6.57
N HIS A 13 -7.39 -8.44 6.89
CA HIS A 13 -7.42 -9.11 8.18
C HIS A 13 -6.74 -8.27 9.24
N ASP A 14 -5.90 -7.34 8.80
CA ASP A 14 -5.17 -6.48 9.72
C ASP A 14 -4.56 -5.29 8.98
N ARG A 15 -4.88 -4.08 9.42
CA ARG A 15 -4.36 -2.87 8.80
C ARG A 15 -2.93 -2.60 9.26
N HIS A 16 -2.53 -3.25 10.34
CA HIS A 16 -1.18 -3.07 10.88
C HIS A 16 -0.33 -4.31 10.65
N SER A 17 -0.66 -5.05 9.58
CA SER A 17 0.07 -6.27 9.26
C SER A 17 1.25 -5.96 8.34
N CYS A 18 1.04 -5.06 7.39
CA CYS A 18 2.09 -4.68 6.45
C CYS A 18 3.36 -4.26 7.20
N CYS A 19 4.49 -4.81 6.76
CA CYS A 19 5.77 -4.50 7.38
C CYS A 19 6.32 -3.16 6.87
N ARG A 20 7.38 -2.68 7.51
CA ARG A 20 7.99 -1.42 7.13
C ARG A 20 8.90 -1.60 5.92
N GLY A 21 9.15 -0.52 5.20
CA GLY A 21 10.01 -0.58 4.02
C GLY A 21 11.26 0.26 4.18
N ASP A 22 12.35 -0.19 3.56
CA ASP A 22 13.62 0.53 3.63
C ASP A 22 13.42 2.01 3.26
N MET A 23 12.46 2.27 2.39
CA MET A 23 12.17 3.63 1.96
C MET A 23 10.97 4.21 2.71
N PHE A 24 9.83 3.52 2.62
CA PHE A 24 8.62 3.96 3.29
C PHE A 24 7.79 2.76 3.76
N LYS A 25 6.96 3.00 4.77
CA LYS A 25 6.11 1.94 5.31
C LYS A 25 4.83 1.81 4.51
N TYR A 26 4.36 0.57 4.35
CA TYR A 26 3.14 0.30 3.61
C TYR A 26 1.92 0.33 4.53
N VAL A 27 0.78 0.74 3.98
CA VAL A 27 -0.45 0.81 4.74
C VAL A 27 -1.54 -0.07 4.13
N CYS A 28 -2.68 -0.14 4.80
CA CYS A 28 -3.80 -0.95 4.31
C CYS A 28 -4.84 -0.08 3.62
N ASP A 29 -5.01 -0.30 2.32
CA ASP A 29 -5.99 0.46 1.54
C ASP A 29 -7.21 -0.39 1.23
N CYS A 30 -8.37 0.05 1.72
CA CYS A 30 -9.62 -0.67 1.50
C CYS A 30 -10.42 -0.02 0.37
N PHE A 31 -11.26 -0.82 -0.29
CA PHE A 31 -12.08 -0.32 -1.38
C PHE A 31 -13.46 -0.99 -1.37
N TYR A 32 -14.49 -0.22 -1.72
CA TYR A 32 -15.85 -0.74 -1.74
C TYR A 32 -16.40 -0.73 -3.16
N PRO A 33 -15.98 -1.72 -3.96
CA PRO A 33 -16.42 -1.86 -5.35
C PRO A 33 -17.89 -2.27 -5.45
N GLU A 34 -18.78 -1.31 -5.24
CA GLU A 34 -20.21 -1.57 -5.30
C GLU A 34 -20.65 -2.52 -4.20
N GLY A 35 -19.95 -2.48 -3.07
CA GLY A 35 -20.28 -3.34 -1.95
C GLY A 35 -19.63 -2.89 -0.66
N GLU A 36 -20.13 -1.80 -0.10
CA GLU A 36 -19.60 -1.26 1.15
C GLU A 36 -19.84 -2.24 2.30
N ASP A 37 -21.10 -2.50 2.60
CA ASP A 37 -21.47 -3.40 3.68
C ASP A 37 -21.79 -4.79 3.14
N LYS A 38 -21.18 -5.13 2.01
CA LYS A 38 -21.40 -6.43 1.39
C LYS A 38 -20.08 -7.18 1.21
N THR A 39 -19.11 -6.52 0.58
CA THR A 39 -17.81 -7.12 0.37
C THR A 39 -16.74 -6.05 0.12
N GLU A 40 -15.89 -5.83 1.12
CA GLU A 40 -14.83 -4.84 1.00
C GLU A 40 -13.50 -5.50 0.68
N VAL A 41 -12.76 -4.91 -0.25
CA VAL A 41 -11.46 -5.43 -0.65
C VAL A 41 -10.33 -4.53 -0.17
N CYS A 42 -9.45 -5.10 0.67
CA CYS A 42 -8.33 -4.35 1.20
C CYS A 42 -7.00 -4.99 0.80
N SER A 43 -6.04 -4.16 0.40
CA SER A 43 -4.73 -4.65 -0.02
C SER A 43 -3.63 -3.71 0.45
N CYS A 44 -2.41 -4.24 0.54
CA CYS A 44 -1.26 -3.46 0.98
C CYS A 44 -0.89 -2.40 -0.06
N GLN A 45 -1.03 -1.13 0.30
CA GLN A 45 -0.71 -0.04 -0.60
C GLN A 45 -0.14 1.15 0.16
N GLN A 46 0.19 2.22 -0.55
CA GLN A 46 0.75 3.41 0.06
C GLN A 46 -0.35 4.37 0.48
N PRO A 47 -0.17 5.03 1.63
CA PRO A 47 -1.14 5.99 2.17
C PRO A 47 -1.20 7.26 1.35
N LYS A 48 -2.36 7.91 1.35
CA LYS A 48 -2.56 9.15 0.61
C LYS A 48 -1.52 10.19 1.02
N SER A 49 -1.00 10.06 2.24
CA SER A 49 -0.01 11.00 2.75
C SER A 49 1.31 10.85 2.00
N HIS A 50 1.82 9.62 1.95
CA HIS A 50 3.07 9.34 1.26
C HIS A 50 2.94 9.56 -0.24
N LYS A 51 1.75 9.30 -0.76
CA LYS A 51 1.49 9.47 -2.19
C LYS A 51 1.48 10.96 -2.56
N ILE A 52 0.76 11.75 -1.77
CA ILE A 52 0.67 13.19 -2.02
C ILE A 52 2.03 13.86 -1.89
N ALA A 53 2.76 13.52 -0.82
CA ALA A 53 4.07 14.09 -0.59
C ALA A 53 5.04 13.72 -1.71
N GLU A 54 5.14 12.43 -1.99
CA GLU A 54 6.03 11.94 -3.04
C GLU A 54 5.73 12.64 -4.38
N LYS A 55 4.45 12.74 -4.70
CA LYS A 55 4.02 13.37 -5.93
C LYS A 55 4.51 14.82 -6.00
N ILE A 56 4.20 15.59 -4.95
CA ILE A 56 4.61 16.98 -4.89
C ILE A 56 6.12 17.13 -5.08
N ILE A 57 6.88 16.47 -4.22
CA ILE A 57 8.34 16.52 -4.30
C ILE A 57 8.83 16.16 -5.70
N ASP A 58 8.36 15.03 -6.21
CA ASP A 58 8.75 14.59 -7.54
C ASP A 58 8.53 15.68 -8.58
N LYS A 59 7.33 16.27 -8.56
CA LYS A 59 6.99 17.33 -9.50
C LYS A 59 7.84 18.57 -9.24
N ALA A 60 8.23 18.78 -7.99
CA ALA A 60 9.05 19.92 -7.62
C ALA A 60 10.43 19.84 -8.28
N LYS A 61 11.10 18.70 -8.11
CA LYS A 61 12.41 18.50 -8.69
C LYS A 61 12.33 18.32 -10.19
N THR A 62 11.22 17.76 -10.67
CA THR A 62 11.01 17.54 -12.09
C THR A 62 10.69 18.84 -12.81
N THR A 63 10.15 19.80 -12.07
CA THR A 63 9.78 21.09 -12.63
C THR A 63 10.90 22.11 -12.43
N LEU A 64 11.67 21.94 -11.36
CA LEU A 64 12.77 22.84 -11.05
C LEU A 64 14.09 22.30 -11.60
N ALA A 1 11.16 -11.69 6.24
CA ALA A 1 10.44 -12.94 6.03
C ALA A 1 9.21 -12.72 5.14
N LYS A 2 8.57 -13.83 4.75
CA LYS A 2 7.40 -13.76 3.90
C LYS A 2 6.13 -14.04 4.69
N ALA A 3 6.27 -14.11 6.02
CA ALA A 3 5.13 -14.37 6.89
C ALA A 3 4.43 -13.07 7.28
N CYS A 4 4.49 -12.08 6.39
CA CYS A 4 3.87 -10.79 6.65
C CYS A 4 2.99 -10.37 5.47
N THR A 5 2.46 -9.15 5.54
CA THR A 5 1.60 -8.63 4.47
C THR A 5 2.31 -7.54 3.68
N PRO A 6 3.12 -7.95 2.69
CA PRO A 6 3.87 -7.02 1.84
C PRO A 6 2.96 -6.23 0.91
N LEU A 7 3.56 -5.53 -0.04
CA LEU A 7 2.80 -4.74 -1.00
C LEU A 7 1.97 -5.63 -1.91
N LEU A 8 0.81 -5.14 -2.30
CA LEU A 8 -0.09 -5.90 -3.18
C LEU A 8 -0.48 -7.23 -2.54
N HIS A 9 -0.99 -7.15 -1.32
CA HIS A 9 -1.41 -8.34 -0.59
C HIS A 9 -2.64 -8.07 0.26
N ASP A 10 -3.29 -9.13 0.74
CA ASP A 10 -4.47 -8.99 1.57
C ASP A 10 -4.15 -8.31 2.90
N CYS A 11 -4.55 -7.06 3.03
CA CYS A 11 -4.30 -6.29 4.24
C CYS A 11 -5.58 -6.11 5.05
N SER A 12 -6.67 -6.71 4.56
CA SER A 12 -7.96 -6.60 5.24
C SER A 12 -7.83 -6.99 6.71
N HIS A 13 -7.15 -8.10 6.97
CA HIS A 13 -6.95 -8.58 8.33
C HIS A 13 -5.62 -8.07 8.90
N ASP A 14 -5.03 -7.09 8.22
CA ASP A 14 -3.76 -6.53 8.66
C ASP A 14 -3.60 -5.10 8.14
N ARG A 15 -4.02 -4.13 8.94
CA ARG A 15 -3.92 -2.72 8.56
C ARG A 15 -2.49 -2.22 8.67
N HIS A 16 -2.05 -2.00 9.91
CA HIS A 16 -0.68 -1.53 10.16
C HIS A 16 0.26 -2.69 10.42
N SER A 17 -0.09 -3.86 9.90
CA SER A 17 0.73 -5.06 10.08
C SER A 17 1.58 -5.32 8.84
N CYS A 18 1.32 -4.58 7.78
CA CYS A 18 2.06 -4.73 6.54
C CYS A 18 3.57 -4.69 6.79
N CYS A 19 4.33 -5.27 5.87
CA CYS A 19 5.78 -5.30 5.99
C CYS A 19 6.37 -3.91 5.87
N ARG A 20 7.52 -3.70 6.50
CA ARG A 20 8.20 -2.41 6.47
C ARG A 20 8.95 -2.22 5.16
N GLY A 21 9.06 -0.96 4.72
CA GLY A 21 9.75 -0.67 3.49
C GLY A 21 11.18 -0.20 3.71
N ASP A 22 11.82 0.24 2.65
CA ASP A 22 13.21 0.72 2.74
C ASP A 22 13.26 2.12 3.38
N MET A 23 12.20 2.88 3.19
CA MET A 23 12.11 4.23 3.74
C MET A 23 11.04 4.31 4.82
N PHE A 24 9.83 3.87 4.49
CA PHE A 24 8.72 3.91 5.44
C PHE A 24 7.80 2.71 5.21
N LYS A 25 7.20 2.23 6.30
CA LYS A 25 6.28 1.10 6.23
C LYS A 25 5.21 1.32 5.17
N TYR A 26 4.50 0.26 4.83
CA TYR A 26 3.44 0.34 3.83
C TYR A 26 2.10 0.68 4.48
N VAL A 27 1.17 1.20 3.68
CA VAL A 27 -0.16 1.56 4.18
C VAL A 27 -1.24 0.70 3.54
N CYS A 28 -2.21 0.28 4.34
CA CYS A 28 -3.30 -0.54 3.85
C CYS A 28 -4.44 0.32 3.32
N ASP A 29 -4.94 -0.04 2.14
CA ASP A 29 -6.03 0.71 1.51
C ASP A 29 -7.23 -0.19 1.29
N CYS A 30 -8.40 0.30 1.69
CA CYS A 30 -9.64 -0.47 1.54
C CYS A 30 -10.53 0.14 0.45
N PHE A 31 -11.36 -0.69 -0.15
CA PHE A 31 -12.26 -0.22 -1.20
C PHE A 31 -13.59 -0.97 -1.14
N TYR A 32 -14.62 -0.38 -1.77
CA TYR A 32 -15.95 -1.00 -1.78
C TYR A 32 -16.54 -0.98 -3.18
N PRO A 33 -16.09 -1.93 -4.03
CA PRO A 33 -16.55 -2.05 -5.41
C PRO A 33 -18.00 -2.52 -5.49
N GLU A 34 -18.93 -1.60 -5.25
CA GLU A 34 -20.36 -1.93 -5.29
C GLU A 34 -20.71 -2.97 -4.23
N GLY A 35 -19.98 -2.94 -3.11
CA GLY A 35 -20.24 -3.87 -2.04
C GLY A 35 -19.59 -3.45 -0.73
N GLU A 36 -20.05 -2.34 -0.18
CA GLU A 36 -19.51 -1.83 1.07
C GLU A 36 -20.02 -2.64 2.26
N ASP A 37 -21.31 -2.96 2.23
CA ASP A 37 -21.93 -3.74 3.31
C ASP A 37 -21.96 -5.22 2.96
N LYS A 38 -21.19 -5.61 1.94
CA LYS A 38 -21.14 -6.99 1.50
C LYS A 38 -19.75 -7.58 1.74
N THR A 39 -18.75 -7.02 1.06
CA THR A 39 -17.38 -7.50 1.19
C THR A 39 -16.38 -6.44 0.72
N GLU A 40 -15.76 -5.75 1.66
CA GLU A 40 -14.79 -4.72 1.34
C GLU A 40 -13.46 -5.33 0.89
N VAL A 41 -12.88 -4.77 -0.16
CA VAL A 41 -11.61 -5.28 -0.68
C VAL A 41 -10.47 -4.36 -0.29
N CYS A 42 -9.54 -4.88 0.51
CA CYS A 42 -8.38 -4.11 0.96
C CYS A 42 -7.08 -4.72 0.44
N SER A 43 -6.10 -3.87 0.20
CA SER A 43 -4.80 -4.33 -0.28
C SER A 43 -3.68 -3.41 0.19
N CYS A 44 -2.50 -4.00 0.41
CA CYS A 44 -1.35 -3.24 0.88
C CYS A 44 -0.82 -2.33 -0.22
N GLN A 45 -0.57 -1.07 0.12
CA GLN A 45 -0.06 -0.10 -0.84
C GLN A 45 1.00 0.79 -0.19
N GLN A 46 1.62 1.65 -1.01
CA GLN A 46 2.65 2.55 -0.52
C GLN A 46 2.06 3.91 -0.20
N PRO A 47 2.60 4.56 0.84
CA PRO A 47 2.14 5.89 1.28
C PRO A 47 2.51 6.99 0.29
N LYS A 48 1.98 8.18 0.50
CA LYS A 48 2.26 9.32 -0.36
C LYS A 48 3.76 9.61 -0.43
N SER A 49 4.46 9.29 0.66
CA SER A 49 5.90 9.52 0.73
C SER A 49 6.64 8.59 -0.23
N HIS A 50 6.41 7.29 -0.09
CA HIS A 50 7.05 6.30 -0.94
C HIS A 50 6.71 6.54 -2.41
N LYS A 51 5.45 6.87 -2.66
CA LYS A 51 4.98 7.13 -4.02
C LYS A 51 5.73 8.32 -4.64
N ILE A 52 5.61 9.47 -4.00
CA ILE A 52 6.27 10.68 -4.48
C ILE A 52 7.78 10.47 -4.59
N ALA A 53 8.39 9.98 -3.52
CA ALA A 53 9.82 9.73 -3.50
C ALA A 53 10.24 8.86 -4.68
N GLU A 54 9.55 7.73 -4.84
CA GLU A 54 9.86 6.80 -5.93
C GLU A 54 9.76 7.50 -7.29
N LYS A 55 8.72 8.31 -7.45
CA LYS A 55 8.52 9.03 -8.70
C LYS A 55 9.72 9.92 -9.02
N ILE A 56 10.10 10.75 -8.06
CA ILE A 56 11.24 11.65 -8.23
C ILE A 56 12.50 10.88 -8.59
N ILE A 57 12.78 9.83 -7.82
CA ILE A 57 13.95 9.00 -8.06
C ILE A 57 13.95 8.43 -9.47
N ASP A 58 12.81 7.89 -9.89
CA ASP A 58 12.68 7.32 -11.23
C ASP A 58 12.93 8.37 -12.30
N LYS A 59 12.26 9.51 -12.17
CA LYS A 59 12.42 10.60 -13.12
C LYS A 59 13.84 11.14 -13.12
N ALA A 60 14.50 11.06 -11.96
CA ALA A 60 15.87 11.53 -11.82
C ALA A 60 16.84 10.64 -12.59
N LYS A 61 16.83 9.36 -12.28
CA LYS A 61 17.72 8.40 -12.94
C LYS A 61 17.34 8.24 -14.40
N THR A 62 16.06 7.97 -14.65
CA THR A 62 15.56 7.78 -16.01
C THR A 62 16.22 6.58 -16.68
N THR A 63 16.84 5.72 -15.87
CA THR A 63 17.50 4.54 -16.39
C THR A 63 16.59 3.31 -16.30
N LEU A 64 15.75 3.29 -15.28
CA LEU A 64 14.82 2.17 -15.08
C LEU A 64 13.45 2.50 -15.65
N ALA A 1 10.23 -16.72 6.89
CA ALA A 1 10.65 -15.98 5.71
C ALA A 1 9.44 -15.39 4.98
N LYS A 2 9.46 -14.07 4.80
CA LYS A 2 8.37 -13.39 4.11
C LYS A 2 7.03 -13.74 4.73
N ALA A 3 7.01 -13.90 6.05
CA ALA A 3 5.79 -14.23 6.76
C ALA A 3 5.01 -12.97 7.16
N CYS A 4 5.10 -11.95 6.31
CA CYS A 4 4.41 -10.69 6.57
C CYS A 4 3.48 -10.33 5.43
N THR A 5 2.89 -9.14 5.49
CA THR A 5 1.97 -8.68 4.46
C THR A 5 2.59 -7.56 3.64
N PRO A 6 3.41 -7.92 2.64
CA PRO A 6 4.08 -6.95 1.76
C PRO A 6 3.09 -6.24 0.84
N LEU A 7 3.63 -5.46 -0.10
CA LEU A 7 2.81 -4.73 -1.04
C LEU A 7 2.05 -5.69 -1.97
N LEU A 8 0.83 -5.33 -2.31
CA LEU A 8 0.01 -6.15 -3.19
C LEU A 8 -0.35 -7.47 -2.52
N HIS A 9 -0.87 -7.39 -1.30
CA HIS A 9 -1.26 -8.58 -0.55
C HIS A 9 -2.49 -8.31 0.31
N ASP A 10 -3.12 -9.38 0.79
CA ASP A 10 -4.31 -9.26 1.62
C ASP A 10 -3.96 -8.64 2.97
N CYS A 11 -4.40 -7.39 3.18
CA CYS A 11 -4.13 -6.69 4.43
C CYS A 11 -5.41 -6.52 5.24
N SER A 12 -6.48 -7.18 4.80
CA SER A 12 -7.77 -7.10 5.48
C SER A 12 -7.61 -7.37 6.97
N HIS A 13 -6.91 -8.45 7.30
CA HIS A 13 -6.68 -8.82 8.69
C HIS A 13 -5.35 -8.27 9.19
N ASP A 14 -4.84 -7.26 8.51
CA ASP A 14 -3.58 -6.65 8.89
C ASP A 14 -3.55 -5.17 8.49
N ARG A 15 -3.83 -4.31 9.46
CA ARG A 15 -3.83 -2.87 9.22
C ARG A 15 -2.41 -2.33 9.09
N HIS A 16 -1.71 -2.23 10.20
CA HIS A 16 -0.34 -1.74 10.21
C HIS A 16 0.66 -2.88 10.37
N SER A 17 0.24 -4.08 9.98
CA SER A 17 1.10 -5.26 10.09
C SER A 17 1.92 -5.44 8.81
N CYS A 18 1.59 -4.67 7.78
CA CYS A 18 2.29 -4.76 6.52
C CYS A 18 3.80 -4.64 6.72
N CYS A 19 4.57 -5.16 5.77
CA CYS A 19 6.02 -5.12 5.85
C CYS A 19 6.54 -3.68 5.71
N ARG A 20 7.71 -3.43 6.28
CA ARG A 20 8.30 -2.09 6.23
C ARG A 20 8.99 -1.86 4.88
N GLY A 21 9.07 -0.60 4.48
CA GLY A 21 9.71 -0.27 3.22
C GLY A 21 11.12 0.25 3.40
N ASP A 22 11.73 0.69 2.30
CA ASP A 22 13.09 1.21 2.34
C ASP A 22 13.13 2.58 3.01
N MET A 23 12.08 3.36 2.81
CA MET A 23 11.99 4.69 3.39
C MET A 23 10.99 4.73 4.54
N PHE A 24 9.77 4.25 4.27
CA PHE A 24 8.73 4.22 5.29
C PHE A 24 7.86 2.97 5.15
N LYS A 25 7.07 2.69 6.18
CA LYS A 25 6.20 1.53 6.16
C LYS A 25 5.05 1.71 5.17
N TYR A 26 4.46 0.60 4.76
CA TYR A 26 3.35 0.63 3.80
C TYR A 26 2.02 0.85 4.52
N VAL A 27 0.99 1.18 3.75
CA VAL A 27 -0.34 1.43 4.30
C VAL A 27 -1.34 0.41 3.77
N CYS A 28 -2.34 0.08 4.59
CA CYS A 28 -3.37 -0.87 4.19
C CYS A 28 -4.61 -0.14 3.67
N ASP A 29 -4.91 -0.37 2.40
CA ASP A 29 -6.07 0.27 1.77
C ASP A 29 -7.28 -0.67 1.80
N CYS A 30 -8.48 -0.09 1.77
CA CYS A 30 -9.70 -0.87 1.79
C CYS A 30 -10.74 -0.27 0.84
N PHE A 31 -11.43 -1.14 0.10
CA PHE A 31 -12.46 -0.70 -0.84
C PHE A 31 -13.61 -1.70 -0.89
N TYR A 32 -14.62 -1.37 -1.68
CA TYR A 32 -15.79 -2.23 -1.83
C TYR A 32 -16.32 -2.19 -3.25
N PRO A 33 -16.99 -3.29 -3.67
CA PRO A 33 -17.57 -3.40 -5.01
C PRO A 33 -18.76 -2.47 -5.21
N GLU A 34 -18.48 -1.18 -5.36
CA GLU A 34 -19.53 -0.19 -5.56
C GLU A 34 -20.55 -0.23 -4.42
N GLY A 35 -20.10 -0.72 -3.27
CA GLY A 35 -20.98 -0.80 -2.11
C GLY A 35 -20.33 -1.53 -0.94
N GLU A 36 -20.34 -0.89 0.23
CA GLU A 36 -19.74 -1.49 1.42
C GLU A 36 -20.66 -2.55 2.01
N ASP A 37 -21.88 -2.63 1.50
CA ASP A 37 -22.86 -3.60 1.97
C ASP A 37 -22.71 -4.92 1.24
N LYS A 38 -21.68 -5.01 0.40
CA LYS A 38 -21.42 -6.23 -0.36
C LYS A 38 -20.24 -7.00 0.23
N THR A 39 -19.03 -6.50 0.00
CA THR A 39 -17.83 -7.14 0.51
C THR A 39 -16.70 -6.13 0.68
N GLU A 40 -15.88 -6.33 1.71
CA GLU A 40 -14.77 -5.43 1.98
C GLU A 40 -13.45 -6.02 1.48
N VAL A 41 -12.85 -5.36 0.51
CA VAL A 41 -11.59 -5.82 -0.08
C VAL A 41 -10.46 -4.86 0.26
N CYS A 42 -9.47 -5.35 1.02
CA CYS A 42 -8.32 -4.54 1.41
C CYS A 42 -7.04 -5.11 0.82
N SER A 43 -6.07 -4.23 0.56
CA SER A 43 -4.79 -4.65 0.00
C SER A 43 -3.67 -3.71 0.46
N CYS A 44 -2.47 -4.26 0.58
CA CYS A 44 -1.32 -3.48 1.00
C CYS A 44 -0.85 -2.54 -0.11
N GLN A 45 -0.70 -1.26 0.23
CA GLN A 45 -0.26 -0.27 -0.75
C GLN A 45 0.70 0.72 -0.12
N GLN A 46 1.18 1.67 -0.92
CA GLN A 46 2.12 2.67 -0.42
C GLN A 46 1.39 3.96 -0.03
N PRO A 47 1.90 4.65 0.99
CA PRO A 47 1.31 5.89 1.48
C PRO A 47 1.48 7.04 0.49
N LYS A 48 0.74 8.12 0.72
CA LYS A 48 0.80 9.30 -0.15
C LYS A 48 2.24 9.78 -0.29
N SER A 49 3.01 9.68 0.78
CA SER A 49 4.40 10.12 0.78
C SER A 49 5.22 9.30 -0.22
N HIS A 50 5.13 7.98 -0.10
CA HIS A 50 5.87 7.09 -1.00
C HIS A 50 5.49 7.34 -2.45
N LYS A 51 4.19 7.51 -2.70
CA LYS A 51 3.70 7.76 -4.05
C LYS A 51 4.33 9.02 -4.64
N ILE A 52 4.15 10.14 -3.95
CA ILE A 52 4.71 11.40 -4.40
C ILE A 52 6.21 11.28 -4.68
N ALA A 53 6.93 10.74 -3.70
CA ALA A 53 8.37 10.55 -3.84
C ALA A 53 8.72 9.83 -5.13
N GLU A 54 8.10 8.67 -5.34
CA GLU A 54 8.34 7.88 -6.54
C GLU A 54 8.10 8.71 -7.80
N LYS A 55 6.97 9.42 -7.81
CA LYS A 55 6.61 10.25 -8.95
C LYS A 55 7.70 11.27 -9.25
N ILE A 56 8.15 11.97 -8.22
CA ILE A 56 9.20 12.97 -8.38
C ILE A 56 10.47 12.35 -8.96
N ILE A 57 11.01 11.35 -8.27
CA ILE A 57 12.21 10.68 -8.74
C ILE A 57 12.07 10.23 -10.18
N ASP A 58 10.99 9.51 -10.48
CA ASP A 58 10.75 9.02 -11.83
C ASP A 58 10.84 10.17 -12.85
N LYS A 59 10.14 11.26 -12.56
CA LYS A 59 10.15 12.42 -13.45
C LYS A 59 11.57 12.94 -13.66
N ALA A 60 12.34 12.97 -12.58
CA ALA A 60 13.71 13.45 -12.64
C ALA A 60 14.54 12.60 -13.59
N LYS A 61 14.46 11.29 -13.44
CA LYS A 61 15.20 10.37 -14.30
C LYS A 61 14.80 10.52 -15.75
N THR A 62 13.50 10.60 -16.00
CA THR A 62 12.97 10.76 -17.35
C THR A 62 13.31 9.54 -18.22
N THR A 63 13.69 8.45 -17.56
CA THR A 63 14.04 7.21 -18.26
C THR A 63 12.81 6.33 -18.45
N LEU A 64 11.79 6.57 -17.64
CA LEU A 64 10.55 5.78 -17.73
C LEU A 64 9.62 6.36 -18.79
N ALA A 1 4.76 -14.88 14.15
CA ALA A 1 5.41 -13.58 14.01
C ALA A 1 6.38 -13.59 12.83
N LYS A 2 6.10 -14.41 11.83
CA LYS A 2 6.95 -14.51 10.66
C LYS A 2 6.19 -14.11 9.39
N ALA A 3 4.91 -14.46 9.34
CA ALA A 3 4.07 -14.14 8.20
C ALA A 3 3.86 -12.63 8.08
N CYS A 4 4.25 -12.08 6.93
CA CYS A 4 4.10 -10.65 6.70
C CYS A 4 3.13 -10.38 5.54
N THR A 5 2.99 -9.11 5.18
CA THR A 5 2.10 -8.72 4.09
C THR A 5 2.73 -7.66 3.21
N PRO A 6 3.49 -8.09 2.20
CA PRO A 6 4.16 -7.18 1.27
C PRO A 6 3.18 -6.45 0.35
N LEU A 7 3.72 -5.73 -0.63
CA LEU A 7 2.89 -4.98 -1.57
C LEU A 7 2.05 -5.94 -2.41
N LEU A 8 0.82 -5.52 -2.71
CA LEU A 8 -0.09 -6.34 -3.51
C LEU A 8 -0.46 -7.63 -2.78
N HIS A 9 -0.95 -7.48 -1.56
CA HIS A 9 -1.36 -8.63 -0.75
C HIS A 9 -2.58 -8.31 0.09
N ASP A 10 -3.19 -9.34 0.67
CA ASP A 10 -4.37 -9.16 1.50
C ASP A 10 -4.00 -8.56 2.85
N CYS A 11 -4.58 -7.40 3.16
CA CYS A 11 -4.31 -6.73 4.42
C CYS A 11 -5.60 -6.27 5.08
N SER A 12 -6.72 -6.66 4.49
CA SER A 12 -8.03 -6.28 5.02
C SER A 12 -8.19 -6.76 6.45
N HIS A 13 -7.48 -7.82 6.80
CA HIS A 13 -7.55 -8.39 8.15
C HIS A 13 -6.68 -7.58 9.11
N ASP A 14 -5.73 -6.84 8.57
CA ASP A 14 -4.83 -6.02 9.38
C ASP A 14 -4.12 -4.98 8.52
N ARG A 15 -4.31 -3.71 8.85
CA ARG A 15 -3.68 -2.62 8.12
C ARG A 15 -2.27 -2.36 8.63
N HIS A 16 -2.00 -2.77 9.86
CA HIS A 16 -0.69 -2.58 10.47
C HIS A 16 0.11 -3.88 10.45
N SER A 17 -0.21 -4.75 9.51
CA SER A 17 0.48 -6.04 9.38
C SER A 17 1.54 -5.98 8.30
N CYS A 18 1.30 -5.16 7.28
CA CYS A 18 2.23 -5.01 6.17
C CYS A 18 3.63 -4.69 6.68
N CYS A 19 4.63 -5.39 6.15
CA CYS A 19 6.02 -5.19 6.55
C CYS A 19 6.40 -3.71 6.45
N ARG A 20 7.58 -3.38 6.95
CA ARG A 20 8.07 -2.01 6.92
C ARG A 20 8.64 -1.67 5.55
N GLY A 21 8.89 -0.38 5.31
CA GLY A 21 9.44 0.05 4.04
C GLY A 21 10.84 0.62 4.18
N ASP A 22 11.54 0.74 3.05
CA ASP A 22 12.90 1.28 3.06
C ASP A 22 12.95 2.62 3.78
N MET A 23 11.89 3.40 3.65
CA MET A 23 11.82 4.71 4.30
C MET A 23 10.66 4.76 5.29
N PHE A 24 9.50 4.26 4.86
CA PHE A 24 8.32 4.26 5.70
C PHE A 24 7.49 3.00 5.46
N LYS A 25 6.91 2.47 6.54
CA LYS A 25 6.08 1.26 6.44
C LYS A 25 5.04 1.41 5.36
N TYR A 26 4.55 0.28 4.86
CA TYR A 26 3.53 0.27 3.81
C TYR A 26 2.16 0.64 4.38
N VAL A 27 1.23 0.99 3.49
CA VAL A 27 -0.11 1.36 3.90
C VAL A 27 -1.15 0.38 3.35
N CYS A 28 -2.23 0.19 4.10
CA CYS A 28 -3.29 -0.72 3.69
C CYS A 28 -4.46 0.04 3.07
N ASP A 29 -4.66 -0.16 1.77
CA ASP A 29 -5.74 0.51 1.05
C ASP A 29 -7.01 -0.35 1.07
N CYS A 30 -8.15 0.32 0.98
CA CYS A 30 -9.43 -0.39 0.97
C CYS A 30 -10.36 0.16 -0.11
N PHE A 31 -11.25 -0.68 -0.62
CA PHE A 31 -12.18 -0.28 -1.66
C PHE A 31 -13.52 -0.98 -1.50
N TYR A 32 -14.57 -0.37 -2.02
CA TYR A 32 -15.91 -0.94 -1.93
C TYR A 32 -16.56 -1.04 -3.30
N PRO A 33 -16.15 -2.06 -4.07
CA PRO A 33 -16.69 -2.30 -5.42
C PRO A 33 -18.13 -2.76 -5.40
N GLU A 34 -19.05 -1.82 -5.18
CA GLU A 34 -20.47 -2.14 -5.14
C GLU A 34 -20.79 -3.04 -3.95
N GLY A 35 -20.03 -2.89 -2.88
CA GLY A 35 -20.25 -3.69 -1.68
C GLY A 35 -19.44 -3.18 -0.49
N GLU A 36 -19.90 -2.09 0.11
CA GLU A 36 -19.21 -1.52 1.26
C GLU A 36 -19.78 -2.06 2.57
N ASP A 37 -21.04 -2.51 2.51
CA ASP A 37 -21.70 -3.06 3.69
C ASP A 37 -21.87 -4.56 3.56
N LYS A 38 -20.99 -5.19 2.79
CA LYS A 38 -21.05 -6.63 2.59
C LYS A 38 -19.65 -7.23 2.59
N THR A 39 -18.76 -6.64 1.80
CA THR A 39 -17.39 -7.12 1.71
C THR A 39 -16.47 -6.05 1.12
N GLU A 40 -15.52 -5.59 1.92
CA GLU A 40 -14.57 -4.56 1.48
C GLU A 40 -13.28 -5.19 0.99
N VAL A 41 -12.83 -4.76 -0.19
CA VAL A 41 -11.59 -5.28 -0.76
C VAL A 41 -10.40 -4.37 -0.43
N CYS A 42 -9.49 -4.89 0.38
CA CYS A 42 -8.31 -4.13 0.77
C CYS A 42 -7.03 -4.83 0.29
N SER A 43 -6.00 -4.03 0.03
CA SER A 43 -4.73 -4.56 -0.44
C SER A 43 -3.56 -3.69 0.04
N CYS A 44 -2.39 -4.30 0.15
CA CYS A 44 -1.20 -3.60 0.61
C CYS A 44 -0.67 -2.66 -0.49
N GLN A 45 -0.43 -1.41 -0.12
CA GLN A 45 0.08 -0.42 -1.07
C GLN A 45 1.05 0.53 -0.40
N GLN A 46 1.68 1.38 -1.19
CA GLN A 46 2.64 2.34 -0.68
C GLN A 46 1.98 3.69 -0.41
N PRO A 47 2.47 4.40 0.62
CA PRO A 47 1.94 5.71 1.01
C PRO A 47 2.27 6.79 -0.02
N LYS A 48 1.57 7.92 0.07
CA LYS A 48 1.79 9.03 -0.85
C LYS A 48 3.27 9.40 -0.91
N SER A 49 3.96 9.23 0.21
CA SER A 49 5.38 9.55 0.29
C SER A 49 6.19 8.63 -0.61
N HIS A 50 6.09 7.32 -0.36
CA HIS A 50 6.81 6.33 -1.15
C HIS A 50 6.48 6.46 -2.64
N LYS A 51 5.24 6.87 -2.92
CA LYS A 51 4.79 7.03 -4.30
C LYS A 51 5.49 8.22 -4.96
N ILE A 52 5.46 9.36 -4.30
CA ILE A 52 6.09 10.56 -4.82
C ILE A 52 7.59 10.36 -5.00
N ALA A 53 8.19 9.60 -4.10
CA ALA A 53 9.63 9.32 -4.17
C ALA A 53 9.96 8.45 -5.38
N GLU A 54 9.31 7.30 -5.47
CA GLU A 54 9.54 6.38 -6.58
C GLU A 54 9.22 7.04 -7.91
N LYS A 55 8.25 7.96 -7.90
CA LYS A 55 7.86 8.67 -9.11
C LYS A 55 8.95 9.62 -9.56
N ILE A 56 9.33 10.56 -8.70
CA ILE A 56 10.36 11.52 -9.01
C ILE A 56 11.67 10.83 -9.41
N ILE A 57 12.05 9.81 -8.64
CA ILE A 57 13.27 9.07 -8.92
C ILE A 57 13.18 8.36 -10.27
N ASP A 58 12.08 7.66 -10.50
CA ASP A 58 11.86 6.95 -11.75
C ASP A 58 11.96 7.89 -12.94
N LYS A 59 11.29 9.03 -12.84
CA LYS A 59 11.30 10.03 -13.91
C LYS A 59 12.71 10.53 -14.17
N ALA A 60 13.40 10.90 -13.09
CA ALA A 60 14.77 11.40 -13.19
C ALA A 60 15.70 10.36 -13.82
N LYS A 61 15.82 9.22 -13.16
CA LYS A 61 16.67 8.14 -13.65
C LYS A 61 16.35 7.80 -15.10
N THR A 62 15.08 7.47 -15.35
CA THR A 62 14.63 7.14 -16.70
C THR A 62 15.30 5.86 -17.19
N THR A 63 15.89 5.11 -16.26
CA THR A 63 16.57 3.86 -16.61
C THR A 63 15.61 2.67 -16.51
N LEU A 64 14.57 2.82 -15.69
CA LEU A 64 13.59 1.76 -15.51
C LEU A 64 12.19 2.26 -15.79
N ALA A 1 7.28 -22.49 7.74
CA ALA A 1 7.27 -21.44 6.74
C ALA A 1 6.45 -20.24 7.21
N LYS A 2 6.91 -19.04 6.88
CA LYS A 2 6.22 -17.82 7.26
C LYS A 2 6.67 -16.65 6.41
N ALA A 3 5.88 -15.58 6.40
CA ALA A 3 6.20 -14.38 5.63
C ALA A 3 5.35 -13.19 6.07
N CYS A 4 5.62 -12.04 5.49
CA CYS A 4 4.89 -10.82 5.82
C CYS A 4 3.87 -10.48 4.73
N THR A 5 3.23 -9.33 4.86
CA THR A 5 2.24 -8.88 3.89
C THR A 5 2.76 -7.70 3.09
N PRO A 6 3.55 -7.98 2.05
CA PRO A 6 4.12 -6.95 1.18
C PRO A 6 3.07 -6.28 0.31
N LEU A 7 3.53 -5.53 -0.69
CA LEU A 7 2.62 -4.83 -1.60
C LEU A 7 1.75 -5.82 -2.38
N LEU A 8 0.48 -5.47 -2.56
CA LEU A 8 -0.44 -6.33 -3.29
C LEU A 8 -0.70 -7.62 -2.52
N HIS A 9 -1.12 -7.49 -1.27
CA HIS A 9 -1.40 -8.65 -0.44
C HIS A 9 -2.55 -8.36 0.54
N ASP A 10 -3.09 -9.42 1.14
CA ASP A 10 -4.19 -9.28 2.08
C ASP A 10 -3.69 -8.70 3.41
N CYS A 11 -4.27 -7.55 3.79
CA CYS A 11 -3.89 -6.90 5.04
C CYS A 11 -5.12 -6.48 5.83
N SER A 12 -6.29 -6.89 5.35
CA SER A 12 -7.55 -6.55 6.01
C SER A 12 -7.55 -7.05 7.45
N HIS A 13 -6.73 -8.05 7.72
CA HIS A 13 -6.64 -8.63 9.06
C HIS A 13 -5.75 -7.77 9.96
N ASP A 14 -4.91 -6.94 9.35
CA ASP A 14 -4.01 -6.07 10.08
C ASP A 14 -3.42 -5.00 9.17
N ARG A 15 -3.62 -3.73 9.54
CA ARG A 15 -3.11 -2.62 8.75
C ARG A 15 -1.65 -2.31 9.12
N HIS A 16 -1.22 -2.84 10.25
CA HIS A 16 0.15 -2.62 10.72
C HIS A 16 0.96 -3.91 10.62
N SER A 17 0.50 -4.84 9.80
CA SER A 17 1.19 -6.12 9.62
C SER A 17 2.02 -6.10 8.34
N CYS A 18 1.67 -5.22 7.41
CA CYS A 18 2.37 -5.11 6.15
C CYS A 18 3.87 -4.95 6.38
N CYS A 19 4.66 -5.31 5.37
CA CYS A 19 6.12 -5.21 5.46
C CYS A 19 6.55 -3.74 5.50
N ARG A 20 7.74 -3.50 6.04
CA ARG A 20 8.28 -2.16 6.13
C ARG A 20 8.89 -1.71 4.80
N GLY A 21 8.98 -0.41 4.59
CA GLY A 21 9.54 0.11 3.35
C GLY A 21 10.93 0.68 3.55
N ASP A 22 11.47 1.29 2.50
CA ASP A 22 12.81 1.87 2.57
C ASP A 22 12.78 3.20 3.33
N MET A 23 11.62 3.83 3.38
CA MET A 23 11.46 5.10 4.07
C MET A 23 10.33 5.03 5.08
N PHE A 24 9.19 4.48 4.66
CA PHE A 24 8.03 4.35 5.54
C PHE A 24 7.25 3.07 5.23
N LYS A 25 6.77 2.41 6.28
CA LYS A 25 6.01 1.18 6.13
C LYS A 25 4.84 1.38 5.16
N TYR A 26 4.39 0.29 4.55
CA TYR A 26 3.29 0.34 3.61
C TYR A 26 1.97 0.63 4.32
N VAL A 27 0.97 1.06 3.56
CA VAL A 27 -0.34 1.37 4.12
C VAL A 27 -1.39 0.39 3.63
N CYS A 28 -2.29 -0.02 4.52
CA CYS A 28 -3.34 -0.96 4.19
C CYS A 28 -4.58 -0.23 3.67
N ASP A 29 -4.85 -0.36 2.39
CA ASP A 29 -6.01 0.29 1.77
C ASP A 29 -7.23 -0.62 1.83
N CYS A 30 -8.41 -0.01 1.78
CA CYS A 30 -9.66 -0.77 1.83
C CYS A 30 -10.66 -0.23 0.81
N PHE A 31 -11.35 -1.13 0.14
CA PHE A 31 -12.34 -0.75 -0.88
C PHE A 31 -13.52 -1.72 -0.88
N TYR A 32 -14.47 -1.48 -1.77
CA TYR A 32 -15.65 -2.33 -1.88
C TYR A 32 -16.08 -2.49 -3.34
N PRO A 33 -16.75 -3.61 -3.64
CA PRO A 33 -17.24 -3.90 -4.99
C PRO A 33 -18.38 -2.97 -5.41
N GLU A 34 -18.04 -1.73 -5.72
CA GLU A 34 -19.05 -0.75 -6.14
C GLU A 34 -20.18 -0.67 -5.12
N GLY A 35 -19.85 -0.96 -3.87
CA GLY A 35 -20.86 -0.90 -2.81
C GLY A 35 -20.31 -1.33 -1.47
N GLU A 36 -20.46 -0.47 -0.47
CA GLU A 36 -19.97 -0.77 0.87
C GLU A 36 -20.87 -1.80 1.56
N ASP A 37 -22.06 -2.00 1.01
CA ASP A 37 -23.01 -2.95 1.57
C ASP A 37 -22.89 -4.31 0.88
N LYS A 38 -21.65 -4.70 0.56
CA LYS A 38 -21.41 -5.97 -0.10
C LYS A 38 -20.27 -6.73 0.58
N THR A 39 -19.04 -6.28 0.36
CA THR A 39 -17.87 -6.92 0.96
C THR A 39 -16.70 -5.94 1.04
N GLU A 40 -16.02 -5.94 2.18
CA GLU A 40 -14.88 -5.06 2.37
C GLU A 40 -13.58 -5.77 2.02
N VAL A 41 -12.93 -5.30 0.94
CA VAL A 41 -11.67 -5.89 0.49
C VAL A 41 -10.51 -4.92 0.67
N CYS A 42 -9.54 -5.32 1.47
CA CYS A 42 -8.36 -4.49 1.73
C CYS A 42 -7.10 -5.11 1.14
N SER A 43 -6.15 -4.27 0.78
CA SER A 43 -4.90 -4.75 0.20
C SER A 43 -3.74 -3.81 0.57
N CYS A 44 -2.53 -4.35 0.57
CA CYS A 44 -1.35 -3.58 0.90
C CYS A 44 -0.99 -2.62 -0.24
N GLN A 45 -0.87 -1.34 0.10
CA GLN A 45 -0.52 -0.33 -0.90
C GLN A 45 0.43 0.71 -0.32
N GLN A 46 0.94 1.59 -1.17
CA GLN A 46 1.86 2.63 -0.74
C GLN A 46 1.13 3.93 -0.45
N PRO A 47 1.64 4.70 0.52
CA PRO A 47 1.05 5.98 0.91
C PRO A 47 1.22 7.05 -0.15
N LYS A 48 0.23 7.92 -0.29
CA LYS A 48 0.29 9.00 -1.27
C LYS A 48 1.47 9.93 -1.01
N SER A 49 2.00 9.88 0.21
CA SER A 49 3.13 10.71 0.59
C SER A 49 4.39 10.29 -0.16
N HIS A 50 4.74 9.01 -0.02
CA HIS A 50 5.94 8.48 -0.68
C HIS A 50 5.73 8.41 -2.19
N LYS A 51 4.49 8.13 -2.61
CA LYS A 51 4.17 8.02 -4.02
C LYS A 51 4.36 9.37 -4.72
N ILE A 52 3.71 10.40 -4.19
CA ILE A 52 3.82 11.73 -4.77
C ILE A 52 5.23 12.28 -4.64
N ALA A 53 5.83 12.09 -3.47
CA ALA A 53 7.19 12.56 -3.22
C ALA A 53 8.17 11.94 -4.21
N GLU A 54 8.12 10.62 -4.32
CA GLU A 54 9.01 9.89 -5.22
C GLU A 54 8.80 10.34 -6.67
N LYS A 55 7.53 10.40 -7.08
CA LYS A 55 7.19 10.81 -8.44
C LYS A 55 7.81 12.17 -8.77
N ILE A 56 7.57 13.15 -7.90
CA ILE A 56 8.10 14.49 -8.10
C ILE A 56 9.63 14.46 -8.22
N ILE A 57 10.28 13.86 -7.23
CA ILE A 57 11.74 13.76 -7.22
C ILE A 57 12.25 13.09 -8.49
N ASP A 58 11.56 12.02 -8.91
CA ASP A 58 11.94 11.29 -10.11
C ASP A 58 11.94 12.20 -11.33
N LYS A 59 10.77 12.76 -11.64
CA LYS A 59 10.62 13.66 -12.78
C LYS A 59 11.52 14.89 -12.63
N ALA A 60 11.84 15.23 -11.38
CA ALA A 60 12.68 16.38 -11.10
C ALA A 60 14.10 16.15 -11.60
N LYS A 61 14.75 15.11 -11.08
CA LYS A 61 16.12 14.78 -11.47
C LYS A 61 16.16 14.27 -12.91
N THR A 62 15.06 13.68 -13.36
CA THR A 62 14.97 13.15 -14.72
C THR A 62 14.80 14.28 -15.73
N THR A 63 14.26 15.40 -15.28
CA THR A 63 14.04 16.55 -16.15
C THR A 63 15.15 17.58 -15.99
N LEU A 64 15.79 17.59 -14.82
CA LEU A 64 16.88 18.52 -14.54
C LEU A 64 16.44 19.96 -14.82
N ALA A 1 12.30 -11.33 1.77
CA ALA A 1 11.25 -11.02 2.73
C ALA A 1 10.44 -12.26 3.08
N LYS A 2 10.45 -12.64 4.36
CA LYS A 2 9.71 -13.80 4.81
C LYS A 2 8.82 -13.45 6.00
N ALA A 3 7.61 -13.99 6.01
CA ALA A 3 6.66 -13.73 7.08
C ALA A 3 6.28 -12.26 7.13
N CYS A 4 6.16 -11.64 5.97
CA CYS A 4 5.80 -10.23 5.88
C CYS A 4 4.68 -10.01 4.86
N THR A 5 4.02 -8.86 4.95
CA THR A 5 2.93 -8.54 4.03
C THR A 5 3.28 -7.30 3.20
N PRO A 6 4.08 -7.50 2.14
CA PRO A 6 4.49 -6.42 1.24
C PRO A 6 3.33 -5.88 0.40
N LEU A 7 3.66 -5.07 -0.60
CA LEU A 7 2.65 -4.50 -1.47
C LEU A 7 1.88 -5.59 -2.21
N LEU A 8 0.62 -5.30 -2.53
CA LEU A 8 -0.23 -6.25 -3.24
C LEU A 8 -0.39 -7.54 -2.43
N HIS A 9 -0.90 -7.41 -1.21
CA HIS A 9 -1.11 -8.55 -0.34
C HIS A 9 -2.36 -8.36 0.52
N ASP A 10 -2.80 -9.44 1.16
CA ASP A 10 -3.98 -9.40 2.02
C ASP A 10 -3.66 -8.75 3.36
N CYS A 11 -4.33 -7.64 3.65
CA CYS A 11 -4.11 -6.91 4.89
C CYS A 11 -5.45 -6.57 5.55
N SER A 12 -6.54 -7.09 4.98
CA SER A 12 -7.87 -6.83 5.52
C SER A 12 -8.00 -7.36 6.94
N HIS A 13 -7.19 -8.37 7.27
CA HIS A 13 -7.21 -8.96 8.60
C HIS A 13 -6.42 -8.12 9.58
N ASP A 14 -5.62 -7.21 9.06
CA ASP A 14 -4.80 -6.33 9.89
C ASP A 14 -4.15 -5.23 9.06
N ARG A 15 -4.55 -3.99 9.31
CA ARG A 15 -4.02 -2.85 8.58
C ARG A 15 -2.59 -2.55 9.01
N HIS A 16 -2.18 -3.13 10.13
CA HIS A 16 -0.84 -2.93 10.65
C HIS A 16 0.01 -4.18 10.46
N SER A 17 -0.36 -5.00 9.49
CA SER A 17 0.37 -6.24 9.20
C SER A 17 1.53 -5.98 8.24
N CYS A 18 1.30 -5.12 7.26
CA CYS A 18 2.32 -4.79 6.27
C CYS A 18 3.61 -4.35 6.96
N CYS A 19 4.73 -4.90 6.50
CA CYS A 19 6.04 -4.58 7.06
C CYS A 19 6.55 -3.25 6.52
N ARG A 20 7.57 -2.70 7.17
CA ARG A 20 8.16 -1.44 6.76
C ARG A 20 9.10 -1.64 5.58
N GLY A 21 9.23 -0.61 4.75
CA GLY A 21 10.10 -0.68 3.59
C GLY A 21 11.48 -0.09 3.85
N ASP A 22 12.18 0.27 2.79
CA ASP A 22 13.51 0.86 2.90
C ASP A 22 13.42 2.33 3.28
N MET A 23 12.39 3.01 2.78
CA MET A 23 12.21 4.42 3.06
C MET A 23 11.15 4.61 4.15
N PHE A 24 9.92 4.22 3.85
CA PHE A 24 8.83 4.35 4.80
C PHE A 24 7.98 3.07 4.83
N LYS A 25 7.05 3.01 5.78
CA LYS A 25 6.17 1.85 5.91
C LYS A 25 5.01 1.93 4.93
N TYR A 26 4.42 0.78 4.63
CA TYR A 26 3.31 0.70 3.70
C TYR A 26 1.97 0.91 4.41
N VAL A 27 0.93 1.19 3.64
CA VAL A 27 -0.39 1.40 4.21
C VAL A 27 -1.40 0.38 3.67
N CYS A 28 -2.39 0.05 4.49
CA CYS A 28 -3.41 -0.91 4.10
C CYS A 28 -4.64 -0.21 3.53
N ASP A 29 -4.88 -0.40 2.24
CA ASP A 29 -6.02 0.20 1.57
C ASP A 29 -7.24 -0.70 1.65
N CYS A 30 -8.43 -0.10 1.59
CA CYS A 30 -9.67 -0.86 1.64
C CYS A 30 -10.69 -0.30 0.65
N PHE A 31 -11.40 -1.19 -0.03
CA PHE A 31 -12.41 -0.79 -1.00
C PHE A 31 -13.59 -1.77 -1.00
N TYR A 32 -14.61 -1.45 -1.79
CA TYR A 32 -15.80 -2.29 -1.88
C TYR A 32 -16.35 -2.31 -3.30
N PRO A 33 -17.04 -3.40 -3.65
CA PRO A 33 -17.64 -3.56 -4.97
C PRO A 33 -18.81 -2.62 -5.21
N GLU A 34 -18.51 -1.34 -5.41
CA GLU A 34 -19.54 -0.34 -5.65
C GLU A 34 -20.54 -0.31 -4.50
N GLY A 35 -20.10 -0.76 -3.33
CA GLY A 35 -20.97 -0.78 -2.17
C GLY A 35 -20.32 -1.42 -0.97
N GLU A 36 -20.29 -0.70 0.16
CA GLU A 36 -19.69 -1.20 1.38
C GLU A 36 -20.61 -2.19 2.08
N ASP A 37 -21.83 -2.31 1.57
CA ASP A 37 -22.81 -3.22 2.14
C ASP A 37 -22.75 -4.58 1.45
N LYS A 38 -21.68 -4.83 0.71
CA LYS A 38 -21.50 -6.09 0.00
C LYS A 38 -20.31 -6.86 0.56
N THR A 39 -19.11 -6.40 0.23
CA THR A 39 -17.89 -7.05 0.70
C THR A 39 -16.74 -6.05 0.81
N GLU A 40 -15.94 -6.20 1.86
CA GLU A 40 -14.82 -5.31 2.09
C GLU A 40 -13.51 -5.95 1.63
N VAL A 41 -12.90 -5.37 0.60
CA VAL A 41 -11.65 -5.88 0.06
C VAL A 41 -10.50 -4.92 0.33
N CYS A 42 -9.52 -5.37 1.11
CA CYS A 42 -8.36 -4.56 1.43
C CYS A 42 -7.09 -5.18 0.89
N SER A 43 -6.11 -4.33 0.57
CA SER A 43 -4.84 -4.79 0.04
C SER A 43 -3.70 -3.85 0.43
N CYS A 44 -2.49 -4.39 0.50
CA CYS A 44 -1.32 -3.59 0.86
C CYS A 44 -0.97 -2.59 -0.25
N GLN A 45 -0.83 -1.32 0.14
CA GLN A 45 -0.51 -0.28 -0.81
C GLN A 45 0.50 0.70 -0.22
N GLN A 46 1.01 1.61 -1.05
CA GLN A 46 1.98 2.60 -0.60
C GLN A 46 1.28 3.91 -0.25
N PRO A 47 1.84 4.62 0.75
CA PRO A 47 1.30 5.90 1.22
C PRO A 47 1.48 7.02 0.19
N LYS A 48 0.77 8.12 0.39
CA LYS A 48 0.86 9.26 -0.52
C LYS A 48 2.31 9.70 -0.71
N SER A 49 3.09 9.62 0.36
CA SER A 49 4.50 10.00 0.31
C SER A 49 5.27 9.12 -0.66
N HIS A 50 5.13 7.80 -0.50
CA HIS A 50 5.81 6.85 -1.37
C HIS A 50 5.42 7.05 -2.82
N LYS A 51 4.14 7.31 -3.05
CA LYS A 51 3.62 7.52 -4.39
C LYS A 51 4.28 8.74 -5.04
N ILE A 52 4.30 9.85 -4.30
CA ILE A 52 4.90 11.08 -4.81
C ILE A 52 6.39 10.90 -5.09
N ALA A 53 7.13 10.53 -4.05
CA ALA A 53 8.57 10.32 -4.18
C ALA A 53 8.88 9.35 -5.32
N GLU A 54 8.02 8.35 -5.50
CA GLU A 54 8.19 7.36 -6.53
C GLU A 54 8.08 8.00 -7.92
N LYS A 55 6.99 8.72 -8.13
CA LYS A 55 6.75 9.39 -9.41
C LYS A 55 7.85 10.41 -9.71
N ILE A 56 8.41 10.99 -8.65
CA ILE A 56 9.48 11.98 -8.81
C ILE A 56 10.77 11.32 -9.28
N ILE A 57 11.28 10.39 -8.48
CA ILE A 57 12.51 9.68 -8.82
C ILE A 57 12.41 9.01 -10.18
N ASP A 58 11.26 8.39 -10.43
CA ASP A 58 11.02 7.71 -11.71
C ASP A 58 11.03 8.71 -12.86
N LYS A 59 10.21 9.75 -12.75
CA LYS A 59 10.12 10.77 -13.78
C LYS A 59 11.46 11.46 -13.99
N ALA A 60 12.27 11.50 -12.94
CA ALA A 60 13.59 12.13 -13.00
C ALA A 60 14.55 11.27 -13.81
N LYS A 61 14.66 10.00 -13.46
CA LYS A 61 15.55 9.08 -14.15
C LYS A 61 15.06 8.80 -15.57
N THR A 62 13.75 8.97 -15.77
CA THR A 62 13.16 8.74 -17.08
C THR A 62 13.41 9.91 -18.02
N THR A 63 13.47 11.11 -17.46
CA THR A 63 13.71 12.31 -18.23
C THR A 63 15.21 12.58 -18.39
N LEU A 64 15.96 12.30 -17.34
CA LEU A 64 17.41 12.51 -17.35
C LEU A 64 18.15 11.18 -17.48
N ALA A 1 9.88 -15.03 0.37
CA ALA A 1 10.13 -15.90 1.51
C ALA A 1 9.84 -15.18 2.82
N LYS A 2 8.95 -14.19 2.75
CA LYS A 2 8.57 -13.42 3.94
C LYS A 2 7.15 -13.73 4.37
N ALA A 3 6.98 -14.06 5.65
CA ALA A 3 5.67 -14.37 6.18
C ALA A 3 4.94 -13.12 6.64
N CYS A 4 5.03 -12.06 5.84
CA CYS A 4 4.39 -10.80 6.17
C CYS A 4 3.41 -10.39 5.07
N THR A 5 2.85 -9.19 5.20
CA THR A 5 1.90 -8.68 4.22
C THR A 5 2.50 -7.53 3.41
N PRO A 6 3.27 -7.89 2.37
CA PRO A 6 3.92 -6.90 1.50
C PRO A 6 2.92 -6.15 0.63
N LEU A 7 3.44 -5.37 -0.31
CA LEU A 7 2.59 -4.59 -1.21
C LEU A 7 1.77 -5.52 -2.11
N LEU A 8 0.52 -5.13 -2.37
CA LEU A 8 -0.36 -5.91 -3.22
C LEU A 8 -0.70 -7.25 -2.56
N HIS A 9 -1.14 -7.20 -1.31
CA HIS A 9 -1.49 -8.41 -0.58
C HIS A 9 -2.68 -8.15 0.35
N ASP A 10 -3.28 -9.23 0.84
CA ASP A 10 -4.42 -9.11 1.74
C ASP A 10 -4.01 -8.49 3.07
N CYS A 11 -4.56 -7.31 3.36
CA CYS A 11 -4.25 -6.61 4.60
C CYS A 11 -5.51 -6.41 5.43
N SER A 12 -6.60 -7.03 5.01
CA SER A 12 -7.87 -6.92 5.72
C SER A 12 -7.69 -7.20 7.20
N HIS A 13 -6.99 -8.29 7.50
CA HIS A 13 -6.74 -8.69 8.89
C HIS A 13 -5.38 -8.18 9.36
N ASP A 14 -4.85 -7.18 8.67
CA ASP A 14 -3.56 -6.60 9.03
C ASP A 14 -3.50 -5.12 8.66
N ARG A 15 -3.67 -4.27 9.67
CA ARG A 15 -3.63 -2.83 9.46
C ARG A 15 -2.20 -2.33 9.29
N HIS A 16 -1.44 -2.37 10.38
CA HIS A 16 -0.05 -1.93 10.36
C HIS A 16 0.90 -3.11 10.42
N SER A 17 0.44 -4.27 9.96
CA SER A 17 1.25 -5.48 9.97
C SER A 17 2.03 -5.63 8.67
N CYS A 18 1.68 -4.81 7.68
CA CYS A 18 2.34 -4.84 6.39
C CYS A 18 3.86 -4.75 6.55
N CYS A 19 4.59 -5.24 5.55
CA CYS A 19 6.05 -5.21 5.59
C CYS A 19 6.57 -3.78 5.49
N ARG A 20 7.74 -3.54 6.07
CA ARG A 20 8.34 -2.21 6.04
C ARG A 20 9.05 -1.96 4.72
N GLY A 21 9.13 -0.69 4.32
CA GLY A 21 9.78 -0.35 3.08
C GLY A 21 11.20 0.15 3.27
N ASP A 22 11.80 0.66 2.21
CA ASP A 22 13.17 1.17 2.27
C ASP A 22 13.21 2.51 2.99
N MET A 23 12.17 3.31 2.81
CA MET A 23 12.09 4.62 3.45
C MET A 23 11.12 4.59 4.63
N PHE A 24 9.92 4.10 4.39
CA PHE A 24 8.89 4.02 5.43
C PHE A 24 8.02 2.78 5.24
N LYS A 25 7.15 2.52 6.21
CA LYS A 25 6.26 1.37 6.16
C LYS A 25 5.10 1.64 5.19
N TYR A 26 4.48 0.56 4.73
CA TYR A 26 3.35 0.67 3.80
C TYR A 26 2.04 0.89 4.56
N VAL A 27 1.00 1.26 3.82
CA VAL A 27 -0.30 1.50 4.43
C VAL A 27 -1.34 0.52 3.88
N CYS A 28 -2.33 0.19 4.71
CA CYS A 28 -3.39 -0.73 4.32
C CYS A 28 -4.63 0.03 3.86
N ASP A 29 -5.03 -0.21 2.62
CA ASP A 29 -6.20 0.46 2.06
C ASP A 29 -7.41 -0.49 2.06
N CYS A 30 -8.61 0.09 2.05
CA CYS A 30 -9.83 -0.69 2.06
C CYS A 30 -10.84 -0.13 1.06
N PHE A 31 -11.48 -1.02 0.30
CA PHE A 31 -12.47 -0.59 -0.69
C PHE A 31 -13.58 -1.63 -0.81
N TYR A 32 -14.49 -1.41 -1.74
CA TYR A 32 -15.62 -2.31 -1.96
C TYR A 32 -15.97 -2.40 -3.45
N PRO A 33 -16.54 -3.54 -3.84
CA PRO A 33 -16.94 -3.78 -5.23
C PRO A 33 -18.13 -2.91 -5.65
N GLU A 34 -17.88 -1.63 -5.88
CA GLU A 34 -18.92 -0.70 -6.28
C GLU A 34 -20.03 -0.65 -5.23
N GLY A 35 -19.69 -1.00 -3.99
CA GLY A 35 -20.67 -0.98 -2.93
C GLY A 35 -20.15 -1.65 -1.66
N GLU A 36 -20.32 -0.98 -0.53
CA GLU A 36 -19.87 -1.51 0.75
C GLU A 36 -21.00 -2.23 1.47
N ASP A 37 -21.93 -2.77 0.69
CA ASP A 37 -23.07 -3.49 1.26
C ASP A 37 -22.96 -4.99 0.97
N LYS A 38 -21.74 -5.46 0.76
CA LYS A 38 -21.51 -6.88 0.48
C LYS A 38 -20.27 -7.38 1.21
N THR A 39 -19.12 -6.80 0.89
CA THR A 39 -17.87 -7.19 1.51
C THR A 39 -16.80 -6.12 1.33
N GLU A 40 -15.90 -6.01 2.31
CA GLU A 40 -14.83 -5.02 2.26
C GLU A 40 -13.52 -5.66 1.82
N VAL A 41 -12.96 -5.16 0.72
CA VAL A 41 -11.70 -5.68 0.18
C VAL A 41 -10.55 -4.73 0.47
N CYS A 42 -9.61 -5.17 1.30
CA CYS A 42 -8.46 -4.37 1.66
C CYS A 42 -7.18 -4.95 1.05
N SER A 43 -6.22 -4.07 0.77
CA SER A 43 -4.96 -4.50 0.18
C SER A 43 -3.83 -3.56 0.59
N CYS A 44 -2.62 -4.11 0.67
CA CYS A 44 -1.45 -3.33 1.07
C CYS A 44 -1.03 -2.38 -0.05
N GLN A 45 -0.84 -1.12 0.30
CA GLN A 45 -0.43 -0.11 -0.67
C GLN A 45 0.57 0.87 -0.06
N GLN A 46 1.10 1.77 -0.89
CA GLN A 46 2.07 2.74 -0.43
C GLN A 46 1.40 4.05 -0.05
N PRO A 47 1.96 4.73 0.97
CA PRO A 47 1.42 6.01 1.45
C PRO A 47 1.62 7.14 0.45
N LYS A 48 0.96 8.26 0.69
CA LYS A 48 1.07 9.43 -0.18
C LYS A 48 2.52 9.88 -0.30
N SER A 49 3.23 9.87 0.82
CA SER A 49 4.63 10.30 0.85
C SER A 49 5.49 9.37 -0.01
N HIS A 50 5.16 8.08 0.02
CA HIS A 50 5.91 7.09 -0.76
C HIS A 50 5.72 7.32 -2.25
N LYS A 51 4.47 7.32 -2.69
CA LYS A 51 4.15 7.53 -4.11
C LYS A 51 4.71 8.86 -4.59
N ILE A 52 4.52 9.91 -3.79
CA ILE A 52 5.00 11.24 -4.14
C ILE A 52 6.52 11.27 -4.20
N ALA A 53 7.16 10.77 -3.14
CA ALA A 53 8.61 10.75 -3.08
C ALA A 53 9.21 10.08 -4.31
N GLU A 54 8.71 8.89 -4.63
CA GLU A 54 9.19 8.15 -5.79
C GLU A 54 8.94 8.92 -7.08
N LYS A 55 7.73 9.47 -7.20
CA LYS A 55 7.36 10.23 -8.39
C LYS A 55 8.37 11.35 -8.65
N ILE A 56 8.66 12.13 -7.62
CA ILE A 56 9.61 13.23 -7.74
C ILE A 56 11.00 12.72 -8.10
N ILE A 57 11.51 11.78 -7.30
CA ILE A 57 12.83 11.21 -7.53
C ILE A 57 12.96 10.70 -8.96
N ASP A 58 11.91 10.06 -9.45
CA ASP A 58 11.90 9.52 -10.81
C ASP A 58 11.93 10.65 -11.84
N LYS A 59 11.12 11.68 -11.60
CA LYS A 59 11.04 12.82 -12.51
C LYS A 59 12.38 13.56 -12.56
N ALA A 60 13.08 13.56 -11.45
CA ALA A 60 14.38 14.23 -11.37
C ALA A 60 15.46 13.43 -12.09
N LYS A 61 15.67 12.19 -11.66
CA LYS A 61 16.67 11.33 -12.26
C LYS A 61 16.36 11.09 -13.74
N THR A 62 15.15 10.65 -14.03
CA THR A 62 14.74 10.40 -15.41
C THR A 62 15.56 9.28 -16.02
N THR A 63 16.23 8.50 -15.18
CA THR A 63 17.05 7.39 -15.64
C THR A 63 16.28 6.08 -15.61
N LEU A 64 15.43 5.93 -14.60
CA LEU A 64 14.61 4.72 -14.45
C LEU A 64 13.24 4.90 -15.10
N ALA A 1 7.68 -16.01 13.40
CA ALA A 1 7.76 -16.22 11.95
C ALA A 1 8.46 -15.05 11.27
N LYS A 2 8.87 -15.27 10.02
CA LYS A 2 9.56 -14.24 9.25
C LYS A 2 8.74 -13.84 8.03
N ALA A 3 7.44 -14.10 8.08
CA ALA A 3 6.54 -13.76 6.98
C ALA A 3 6.11 -12.30 7.05
N CYS A 4 6.25 -11.60 5.93
CA CYS A 4 5.88 -10.18 5.85
C CYS A 4 4.76 -9.97 4.84
N THR A 5 4.07 -8.84 4.95
CA THR A 5 2.98 -8.51 4.05
C THR A 5 3.31 -7.28 3.21
N PRO A 6 4.11 -7.50 2.14
CA PRO A 6 4.51 -6.41 1.24
C PRO A 6 3.35 -5.89 0.39
N LEU A 7 3.68 -5.09 -0.60
CA LEU A 7 2.66 -4.52 -1.49
C LEU A 7 1.89 -5.63 -2.21
N LEU A 8 0.63 -5.35 -2.52
CA LEU A 8 -0.21 -6.32 -3.22
C LEU A 8 -0.35 -7.60 -2.40
N HIS A 9 -0.87 -7.46 -1.18
CA HIS A 9 -1.07 -8.61 -0.30
C HIS A 9 -2.32 -8.44 0.54
N ASP A 10 -2.75 -9.51 1.20
CA ASP A 10 -3.94 -9.48 2.04
C ASP A 10 -3.64 -8.83 3.38
N CYS A 11 -4.33 -7.73 3.68
CA CYS A 11 -4.13 -7.01 4.93
C CYS A 11 -5.48 -6.67 5.58
N SER A 12 -6.55 -7.20 4.99
CA SER A 12 -7.89 -6.95 5.51
C SER A 12 -8.02 -7.45 6.95
N HIS A 13 -7.21 -8.45 7.30
CA HIS A 13 -7.23 -9.02 8.63
C HIS A 13 -6.46 -8.13 9.62
N ASP A 14 -5.59 -7.28 9.08
CA ASP A 14 -4.80 -6.38 9.91
C ASP A 14 -4.16 -5.29 9.06
N ARG A 15 -4.55 -4.04 9.32
CA ARG A 15 -4.02 -2.90 8.58
C ARG A 15 -2.57 -2.62 8.97
N HIS A 16 -2.18 -3.12 10.14
CA HIS A 16 -0.82 -2.93 10.62
C HIS A 16 0.03 -4.18 10.41
N SER A 17 -0.37 -5.00 9.43
CA SER A 17 0.34 -6.23 9.14
C SER A 17 1.52 -5.97 8.21
N CYS A 18 1.31 -5.11 7.21
CA CYS A 18 2.36 -4.76 6.26
C CYS A 18 3.63 -4.34 6.97
N CYS A 19 4.76 -4.87 6.53
CA CYS A 19 6.05 -4.55 7.13
C CYS A 19 6.57 -3.20 6.62
N ARG A 20 7.55 -2.65 7.32
CA ARG A 20 8.13 -1.37 6.93
C ARG A 20 9.13 -1.54 5.79
N GLY A 21 9.26 -0.51 4.96
CA GLY A 21 10.19 -0.57 3.85
C GLY A 21 11.51 0.10 4.15
N ASP A 22 12.29 0.38 3.11
CA ASP A 22 13.58 1.02 3.27
C ASP A 22 13.42 2.53 3.45
N MET A 23 12.36 3.08 2.86
CA MET A 23 12.10 4.51 2.96
C MET A 23 10.95 4.79 3.93
N PHE A 24 9.77 4.26 3.61
CA PHE A 24 8.60 4.45 4.45
C PHE A 24 7.70 3.21 4.41
N LYS A 25 7.16 2.85 5.58
CA LYS A 25 6.28 1.69 5.68
C LYS A 25 5.10 1.81 4.72
N TYR A 26 4.47 0.68 4.43
CA TYR A 26 3.33 0.66 3.52
C TYR A 26 2.01 0.86 4.29
N VAL A 27 0.95 1.11 3.55
CA VAL A 27 -0.37 1.32 4.16
C VAL A 27 -1.39 0.31 3.63
N CYS A 28 -2.34 -0.06 4.46
CA CYS A 28 -3.38 -1.01 4.09
C CYS A 28 -4.60 -0.29 3.53
N ASP A 29 -4.85 -0.47 2.23
CA ASP A 29 -5.98 0.16 1.58
C ASP A 29 -7.22 -0.74 1.64
N CYS A 30 -8.39 -0.14 1.56
CA CYS A 30 -9.65 -0.87 1.62
C CYS A 30 -10.66 -0.30 0.63
N PHE A 31 -11.40 -1.19 -0.04
CA PHE A 31 -12.40 -0.78 -1.01
C PHE A 31 -13.60 -1.71 -1.00
N TYR A 32 -14.62 -1.39 -1.78
CA TYR A 32 -15.82 -2.20 -1.85
C TYR A 32 -16.39 -2.20 -3.26
N PRO A 33 -17.12 -3.27 -3.60
CA PRO A 33 -17.74 -3.42 -4.92
C PRO A 33 -18.89 -2.44 -5.13
N GLU A 34 -18.56 -1.18 -5.37
CA GLU A 34 -19.57 -0.15 -5.59
C GLU A 34 -20.55 -0.09 -4.43
N GLY A 35 -20.08 -0.49 -3.25
CA GLY A 35 -20.93 -0.49 -2.07
C GLY A 35 -20.31 -1.21 -0.90
N GLU A 36 -20.35 -0.58 0.27
CA GLU A 36 -19.78 -1.17 1.48
C GLU A 36 -20.75 -2.18 2.10
N ASP A 37 -21.91 -2.31 1.48
CA ASP A 37 -22.93 -3.24 1.98
C ASP A 37 -22.86 -4.57 1.24
N LYS A 38 -21.68 -4.89 0.72
CA LYS A 38 -21.48 -6.13 -0.02
C LYS A 38 -20.29 -6.90 0.53
N THR A 39 -19.09 -6.43 0.21
CA THR A 39 -17.86 -7.07 0.67
C THR A 39 -16.73 -6.07 0.79
N GLU A 40 -15.93 -6.20 1.85
CA GLU A 40 -14.80 -5.30 2.09
C GLU A 40 -13.50 -5.94 1.64
N VAL A 41 -12.91 -5.39 0.58
CA VAL A 41 -11.65 -5.91 0.05
C VAL A 41 -10.50 -4.96 0.35
N CYS A 42 -9.52 -5.44 1.11
CA CYS A 42 -8.36 -4.62 1.45
C CYS A 42 -7.07 -5.26 0.93
N SER A 43 -6.11 -4.41 0.59
CA SER A 43 -4.83 -4.88 0.07
C SER A 43 -3.70 -3.92 0.44
N CYS A 44 -2.48 -4.44 0.50
CA CYS A 44 -1.32 -3.63 0.85
C CYS A 44 -0.99 -2.65 -0.28
N GLN A 45 -0.87 -1.38 0.08
CA GLN A 45 -0.57 -0.34 -0.90
C GLN A 45 0.41 0.69 -0.32
N GLN A 46 0.90 1.58 -1.17
CA GLN A 46 1.83 2.62 -0.74
C GLN A 46 1.11 3.92 -0.42
N PRO A 47 1.61 4.64 0.59
CA PRO A 47 1.02 5.91 1.02
C PRO A 47 1.22 7.02 0.00
N LYS A 48 0.23 7.89 -0.13
CA LYS A 48 0.29 9.00 -1.08
C LYS A 48 1.48 9.91 -0.77
N SER A 49 1.98 9.82 0.45
CA SER A 49 3.12 10.63 0.87
C SER A 49 4.39 10.21 0.14
N HIS A 50 4.76 8.95 0.30
CA HIS A 50 5.96 8.42 -0.35
C HIS A 50 5.79 8.38 -1.86
N LYS A 51 4.57 8.10 -2.30
CA LYS A 51 4.28 8.04 -3.73
C LYS A 51 4.47 9.40 -4.39
N ILE A 52 3.69 10.38 -3.97
CA ILE A 52 3.77 11.74 -4.51
C ILE A 52 5.19 12.29 -4.37
N ALA A 53 5.73 12.23 -3.15
CA ALA A 53 7.07 12.72 -2.88
C ALA A 53 8.07 12.10 -3.83
N GLU A 54 7.97 10.80 -4.04
CA GLU A 54 8.87 10.08 -4.93
C GLU A 54 8.70 10.54 -6.37
N LYS A 55 7.46 10.86 -6.74
CA LYS A 55 7.15 11.32 -8.08
C LYS A 55 7.68 12.74 -8.31
N ILE A 56 7.66 13.55 -7.26
CA ILE A 56 8.14 14.92 -7.35
C ILE A 56 9.65 14.98 -7.46
N ILE A 57 10.33 14.22 -6.60
CA ILE A 57 11.79 14.17 -6.61
C ILE A 57 12.32 13.49 -7.87
N ASP A 58 11.66 12.40 -8.26
CA ASP A 58 12.05 11.65 -9.44
C ASP A 58 11.84 12.49 -10.71
N LYS A 59 10.63 13.02 -10.86
CA LYS A 59 10.30 13.83 -12.02
C LYS A 59 11.18 15.08 -12.08
N ALA A 60 11.42 15.69 -10.92
CA ALA A 60 12.23 16.89 -10.84
C ALA A 60 13.67 16.59 -11.27
N LYS A 61 14.34 15.73 -10.52
CA LYS A 61 15.72 15.37 -10.82
C LYS A 61 15.86 14.89 -12.26
N THR A 62 15.07 13.90 -12.64
CA THR A 62 15.11 13.35 -13.99
C THR A 62 16.46 12.73 -14.29
N THR A 63 17.23 12.45 -13.25
CA THR A 63 18.55 11.85 -13.40
C THR A 63 18.46 10.33 -13.36
N LEU A 64 17.46 9.82 -12.66
CA LEU A 64 17.27 8.38 -12.54
C LEU A 64 16.44 7.84 -13.70
N ALA A 1 10.98 -15.51 2.98
CA ALA A 1 11.10 -16.29 4.21
C ALA A 1 10.60 -15.49 5.41
N LYS A 2 9.73 -14.52 5.16
CA LYS A 2 9.18 -13.69 6.22
C LYS A 2 7.70 -13.99 6.43
N ALA A 3 7.00 -14.29 5.33
CA ALA A 3 5.58 -14.60 5.40
C ALA A 3 4.77 -13.40 5.88
N CYS A 4 5.21 -12.21 5.50
CA CYS A 4 4.53 -10.98 5.89
C CYS A 4 3.55 -10.52 4.81
N THR A 5 2.97 -9.34 5.00
CA THR A 5 2.01 -8.79 4.05
C THR A 5 2.60 -7.59 3.32
N PRO A 6 3.43 -7.85 2.29
CA PRO A 6 4.05 -6.80 1.50
C PRO A 6 3.05 -6.05 0.63
N LEU A 7 3.57 -5.27 -0.32
CA LEU A 7 2.72 -4.51 -1.22
C LEU A 7 1.85 -5.43 -2.07
N LEU A 8 0.57 -5.04 -2.23
CA LEU A 8 -0.37 -5.83 -3.01
C LEU A 8 -0.65 -7.17 -2.34
N HIS A 9 -1.11 -7.11 -1.09
CA HIS A 9 -1.43 -8.31 -0.33
C HIS A 9 -2.62 -8.07 0.59
N ASP A 10 -3.15 -9.15 1.15
CA ASP A 10 -4.30 -9.07 2.05
C ASP A 10 -3.87 -8.64 3.44
N CYS A 11 -4.41 -7.53 3.90
CA CYS A 11 -4.08 -7.01 5.23
C CYS A 11 -5.34 -6.83 6.09
N SER A 12 -6.46 -7.33 5.57
CA SER A 12 -7.73 -7.22 6.28
C SER A 12 -7.64 -7.88 7.66
N HIS A 13 -6.78 -8.89 7.76
CA HIS A 13 -6.60 -9.61 9.03
C HIS A 13 -5.70 -8.82 9.97
N ASP A 14 -4.92 -7.90 9.41
CA ASP A 14 -4.01 -7.08 10.21
C ASP A 14 -3.56 -5.85 9.41
N ARG A 15 -3.95 -4.68 9.88
CA ARG A 15 -3.58 -3.42 9.21
C ARG A 15 -2.22 -2.95 9.69
N HIS A 16 -1.65 -3.65 10.66
CA HIS A 16 -0.34 -3.29 11.20
C HIS A 16 0.65 -4.44 11.03
N SER A 17 0.32 -5.37 10.13
CA SER A 17 1.18 -6.52 9.88
C SER A 17 1.99 -6.32 8.61
N CYS A 18 1.52 -5.42 7.75
CA CYS A 18 2.21 -5.13 6.49
C CYS A 18 3.68 -4.82 6.74
N CYS A 19 4.53 -5.28 5.83
CA CYS A 19 5.97 -5.06 5.94
C CYS A 19 6.31 -3.59 5.69
N ARG A 20 7.59 -3.25 5.84
CA ARG A 20 8.04 -1.89 5.62
C ARG A 20 8.23 -1.60 4.13
N GLY A 21 8.60 -0.36 3.81
CA GLY A 21 8.80 0.01 2.43
C GLY A 21 10.21 0.48 2.14
N ASP A 22 10.46 0.93 0.92
CA ASP A 22 11.78 1.41 0.53
C ASP A 22 12.10 2.74 1.20
N MET A 23 11.07 3.56 1.38
CA MET A 23 11.24 4.87 2.00
C MET A 23 10.41 4.98 3.28
N PHE A 24 9.20 4.41 3.24
CA PHE A 24 8.30 4.44 4.40
C PHE A 24 7.48 3.17 4.47
N LYS A 25 7.11 2.78 5.69
CA LYS A 25 6.32 1.57 5.91
C LYS A 25 5.07 1.59 5.04
N TYR A 26 4.54 0.40 4.74
CA TYR A 26 3.34 0.28 3.92
C TYR A 26 2.09 0.57 4.75
N VAL A 27 1.00 0.89 4.06
CA VAL A 27 -0.26 1.20 4.72
C VAL A 27 -1.37 0.27 4.25
N CYS A 28 -2.32 -0.02 5.15
CA CYS A 28 -3.43 -0.90 4.83
C CYS A 28 -4.66 -0.09 4.40
N ASP A 29 -4.98 -0.14 3.11
CA ASP A 29 -6.13 0.57 2.58
C ASP A 29 -7.30 -0.37 2.35
N CYS A 30 -8.51 0.10 2.69
CA CYS A 30 -9.72 -0.70 2.51
C CYS A 30 -10.72 0.02 1.63
N PHE A 31 -11.21 -0.68 0.60
CA PHE A 31 -12.18 -0.11 -0.32
C PHE A 31 -13.16 -1.18 -0.80
N TYR A 32 -14.38 -0.76 -1.10
CA TYR A 32 -15.41 -1.68 -1.58
C TYR A 32 -15.29 -1.89 -3.08
N PRO A 33 -15.76 -3.06 -3.55
CA PRO A 33 -15.71 -3.42 -4.98
C PRO A 33 -16.68 -2.60 -5.81
N GLU A 34 -16.37 -1.32 -5.98
CA GLU A 34 -17.22 -0.41 -6.76
C GLU A 34 -18.66 -0.50 -6.29
N GLY A 35 -18.85 -0.79 -5.00
CA GLY A 35 -20.19 -0.89 -4.46
C GLY A 35 -20.19 -1.50 -3.06
N GLU A 36 -21.10 -1.02 -2.22
CA GLU A 36 -21.21 -1.53 -0.86
C GLU A 36 -22.06 -2.80 -0.80
N ASP A 37 -21.51 -3.88 -1.34
CA ASP A 37 -22.22 -5.16 -1.37
C ASP A 37 -22.34 -5.73 0.04
N LYS A 38 -21.23 -6.20 0.60
CA LYS A 38 -21.21 -6.77 1.93
C LYS A 38 -20.18 -6.08 2.80
N THR A 39 -18.97 -5.94 2.27
CA THR A 39 -17.88 -5.29 3.01
C THR A 39 -16.78 -4.83 2.06
N GLU A 40 -15.87 -4.02 2.58
CA GLU A 40 -14.76 -3.51 1.79
C GLU A 40 -13.54 -4.42 1.88
N VAL A 41 -12.75 -4.46 0.82
CA VAL A 41 -11.56 -5.30 0.78
C VAL A 41 -10.31 -4.51 1.17
N CYS A 42 -9.57 -5.02 2.14
CA CYS A 42 -8.35 -4.36 2.61
C CYS A 42 -7.12 -4.94 1.92
N SER A 43 -6.25 -4.06 1.44
CA SER A 43 -5.03 -4.49 0.76
C SER A 43 -3.86 -3.60 1.14
N CYS A 44 -2.65 -4.12 0.98
CA CYS A 44 -1.44 -3.38 1.30
C CYS A 44 -1.07 -2.41 0.19
N GLN A 45 -1.02 -1.12 0.53
CA GLN A 45 -0.68 -0.09 -0.45
C GLN A 45 0.42 0.83 0.09
N GLN A 46 0.77 1.84 -0.70
CA GLN A 46 1.82 2.78 -0.31
C GLN A 46 1.20 4.01 0.37
N PRO A 47 2.00 4.68 1.21
CA PRO A 47 1.56 5.87 1.93
C PRO A 47 1.37 7.07 1.01
N LYS A 48 0.86 8.16 1.57
CA LYS A 48 0.63 9.37 0.80
C LYS A 48 1.92 9.88 0.17
N SER A 49 3.06 9.48 0.76
CA SER A 49 4.36 9.90 0.26
C SER A 49 4.72 9.14 -1.01
N HIS A 50 4.71 7.81 -0.92
CA HIS A 50 5.04 6.97 -2.06
C HIS A 50 3.95 7.05 -3.13
N LYS A 51 2.72 7.29 -2.69
CA LYS A 51 1.59 7.39 -3.61
C LYS A 51 1.66 8.69 -4.41
N ILE A 52 1.74 9.81 -3.70
CA ILE A 52 1.81 11.11 -4.35
C ILE A 52 3.07 11.24 -5.21
N ALA A 53 4.20 10.78 -4.66
CA ALA A 53 5.46 10.84 -5.38
C ALA A 53 5.41 10.01 -6.66
N GLU A 54 5.01 8.75 -6.53
CA GLU A 54 4.91 7.85 -7.68
C GLU A 54 3.97 8.42 -8.73
N LYS A 55 2.86 9.00 -8.28
CA LYS A 55 1.88 9.59 -9.19
C LYS A 55 2.50 10.71 -10.01
N ILE A 56 3.08 11.70 -9.34
CA ILE A 56 3.71 12.82 -10.01
C ILE A 56 4.78 12.34 -10.99
N ILE A 57 5.74 11.58 -10.49
CA ILE A 57 6.81 11.06 -11.32
C ILE A 57 6.26 10.30 -12.53
N ASP A 58 5.28 9.44 -12.27
CA ASP A 58 4.66 8.66 -13.34
C ASP A 58 4.10 9.57 -14.43
N LYS A 59 3.27 10.53 -14.04
CA LYS A 59 2.68 11.46 -14.98
C LYS A 59 3.75 12.34 -15.62
N ALA A 60 4.88 12.49 -14.94
CA ALA A 60 5.98 13.30 -15.45
C ALA A 60 6.64 12.63 -16.64
N LYS A 61 7.10 11.40 -16.45
CA LYS A 61 7.75 10.65 -17.52
C LYS A 61 6.75 10.24 -18.59
N THR A 62 5.49 10.06 -18.18
CA THR A 62 4.45 9.66 -19.11
C THR A 62 4.02 10.83 -20.00
N THR A 63 4.18 12.05 -19.48
CA THR A 63 3.81 13.24 -20.22
C THR A 63 5.01 13.80 -20.99
N LEU A 64 6.12 13.99 -20.29
CA LEU A 64 7.33 14.52 -20.90
C LEU A 64 8.37 13.42 -21.09
N ALA A 1 3.77 -19.65 10.34
CA ALA A 1 4.43 -19.14 9.14
C ALA A 1 4.97 -17.74 9.38
N LYS A 2 6.26 -17.56 9.09
CA LYS A 2 6.90 -16.26 9.27
C LYS A 2 7.15 -15.58 7.92
N ALA A 3 6.38 -14.54 7.63
CA ALA A 3 6.53 -13.81 6.38
C ALA A 3 6.02 -12.38 6.52
N CYS A 4 6.41 -11.53 5.58
CA CYS A 4 6.01 -10.12 5.59
C CYS A 4 4.86 -9.89 4.62
N THR A 5 4.16 -8.77 4.80
CA THR A 5 3.03 -8.42 3.94
C THR A 5 3.33 -7.15 3.15
N PRO A 6 4.08 -7.30 2.06
CA PRO A 6 4.45 -6.19 1.18
C PRO A 6 3.26 -5.65 0.39
N LEU A 7 3.54 -4.77 -0.56
CA LEU A 7 2.49 -4.18 -1.39
C LEU A 7 1.71 -5.27 -2.13
N LEU A 8 0.44 -4.99 -2.41
CA LEU A 8 -0.42 -5.95 -3.11
C LEU A 8 -0.53 -7.26 -2.34
N HIS A 9 -1.04 -7.17 -1.12
CA HIS A 9 -1.21 -8.34 -0.28
C HIS A 9 -2.45 -8.23 0.59
N ASP A 10 -2.85 -9.34 1.22
CA ASP A 10 -4.03 -9.35 2.07
C ASP A 10 -3.72 -8.74 3.43
N CYS A 11 -4.41 -7.65 3.75
CA CYS A 11 -4.21 -6.97 5.03
C CYS A 11 -5.54 -6.79 5.76
N SER A 12 -6.62 -7.29 5.16
CA SER A 12 -7.94 -7.18 5.75
C SER A 12 -7.97 -7.81 7.14
N HIS A 13 -7.12 -8.81 7.34
CA HIS A 13 -7.04 -9.50 8.63
C HIS A 13 -6.22 -8.70 9.63
N ASP A 14 -5.39 -7.79 9.12
CA ASP A 14 -4.55 -6.96 9.97
C ASP A 14 -4.08 -5.72 9.23
N ARG A 15 -4.44 -4.55 9.74
CA ARG A 15 -4.05 -3.29 9.11
C ARG A 15 -2.59 -2.95 9.43
N HIS A 16 -2.07 -3.56 10.48
CA HIS A 16 -0.69 -3.33 10.89
C HIS A 16 0.19 -4.54 10.58
N SER A 17 -0.21 -5.31 9.57
CA SER A 17 0.53 -6.50 9.18
C SER A 17 1.67 -6.13 8.23
N CYS A 18 1.40 -5.23 7.30
CA CYS A 18 2.40 -4.79 6.33
C CYS A 18 3.68 -4.35 7.03
N CYS A 19 4.81 -4.84 6.54
CA CYS A 19 6.11 -4.49 7.12
C CYS A 19 6.57 -3.12 6.64
N ARG A 20 7.52 -2.53 7.38
CA ARG A 20 8.05 -1.22 7.02
C ARG A 20 9.09 -1.33 5.91
N GLY A 21 9.23 -0.27 5.13
CA GLY A 21 10.20 -0.26 4.04
C GLY A 21 11.32 0.72 4.27
N ASP A 22 12.54 0.33 3.91
CA ASP A 22 13.71 1.18 4.07
C ASP A 22 13.48 2.55 3.43
N MET A 23 12.62 2.58 2.42
CA MET A 23 12.31 3.81 1.72
C MET A 23 10.95 4.37 2.15
N PHE A 24 9.93 3.51 2.11
CA PHE A 24 8.58 3.91 2.51
C PHE A 24 7.83 2.74 3.13
N LYS A 25 6.99 3.03 4.12
CA LYS A 25 6.21 2.01 4.80
C LYS A 25 4.87 1.81 4.10
N TYR A 26 4.42 0.56 4.03
CA TYR A 26 3.15 0.22 3.39
C TYR A 26 2.01 0.24 4.41
N VAL A 27 0.89 0.83 4.00
CA VAL A 27 -0.28 0.91 4.87
C VAL A 27 -1.46 0.15 4.29
N CYS A 28 -2.33 -0.35 5.16
CA CYS A 28 -3.50 -1.11 4.73
C CYS A 28 -4.59 -0.17 4.22
N ASP A 29 -5.06 -0.43 3.00
CA ASP A 29 -6.10 0.39 2.40
C ASP A 29 -7.34 -0.45 2.08
N CYS A 30 -8.49 0.01 2.55
CA CYS A 30 -9.75 -0.70 2.31
C CYS A 30 -10.61 0.04 1.29
N PHE A 31 -11.27 -0.72 0.43
CA PHE A 31 -12.13 -0.14 -0.60
C PHE A 31 -13.33 -1.03 -0.87
N TYR A 32 -14.22 -0.57 -1.75
CA TYR A 32 -15.41 -1.34 -2.11
C TYR A 32 -15.67 -1.27 -3.60
N PRO A 33 -16.32 -2.31 -4.14
CA PRO A 33 -16.65 -2.40 -5.56
C PRO A 33 -17.73 -1.40 -5.97
N GLU A 34 -18.22 -0.63 -4.99
CA GLU A 34 -19.25 0.36 -5.25
C GLU A 34 -20.61 -0.31 -5.41
N GLY A 35 -20.83 -1.40 -4.67
CA GLY A 35 -22.09 -2.11 -4.75
C GLY A 35 -22.29 -3.07 -3.59
N GLU A 36 -21.20 -3.66 -3.11
CA GLU A 36 -21.26 -4.60 -2.01
C GLU A 36 -20.81 -3.94 -0.70
N ASP A 37 -21.70 -3.16 -0.11
CA ASP A 37 -21.39 -2.46 1.15
C ASP A 37 -21.23 -3.46 2.29
N LYS A 38 -21.59 -4.72 2.04
CA LYS A 38 -21.48 -5.76 3.05
C LYS A 38 -20.21 -6.58 2.84
N THR A 39 -19.26 -6.03 2.11
CA THR A 39 -18.00 -6.71 1.83
C THR A 39 -16.92 -5.71 1.43
N GLU A 40 -16.00 -5.44 2.35
CA GLU A 40 -14.91 -4.51 2.08
C GLU A 40 -13.63 -5.26 1.75
N VAL A 41 -12.93 -4.80 0.72
CA VAL A 41 -11.68 -5.42 0.29
C VAL A 41 -10.48 -4.57 0.68
N CYS A 42 -9.65 -5.11 1.56
CA CYS A 42 -8.45 -4.39 2.01
C CYS A 42 -7.18 -5.04 1.45
N SER A 43 -6.22 -4.20 1.08
CA SER A 43 -4.97 -4.68 0.51
C SER A 43 -3.82 -3.74 0.87
N CYS A 44 -2.61 -4.27 0.84
CA CYS A 44 -1.42 -3.48 1.15
C CYS A 44 -1.15 -2.43 0.07
N GLN A 45 -1.14 -1.17 0.47
CA GLN A 45 -0.90 -0.07 -0.46
C GLN A 45 -0.07 1.03 0.19
N GLN A 46 0.40 1.97 -0.62
CA GLN A 46 1.21 3.07 -0.13
C GLN A 46 0.33 4.23 0.35
N PRO A 47 0.78 4.93 1.39
CA PRO A 47 0.05 6.07 1.96
C PRO A 47 0.04 7.27 1.04
N LYS A 48 -1.06 8.03 1.05
CA LYS A 48 -1.19 9.21 0.21
C LYS A 48 -0.03 10.16 0.42
N SER A 49 0.52 10.16 1.64
CA SER A 49 1.64 11.03 1.98
C SER A 49 2.87 10.68 1.16
N HIS A 50 3.30 9.41 1.25
CA HIS A 50 4.46 8.95 0.52
C HIS A 50 4.23 9.04 -0.99
N LYS A 51 2.97 8.87 -1.40
CA LYS A 51 2.62 8.94 -2.81
C LYS A 51 2.88 10.33 -3.38
N ILE A 52 2.23 11.33 -2.79
CA ILE A 52 2.39 12.71 -3.24
C ILE A 52 3.85 13.16 -3.11
N ALA A 53 4.46 12.85 -1.98
CA ALA A 53 5.85 13.22 -1.74
C ALA A 53 6.76 12.69 -2.84
N GLU A 54 6.66 11.39 -3.12
CA GLU A 54 7.47 10.75 -4.14
C GLU A 54 7.21 11.39 -5.51
N LYS A 55 5.94 11.57 -5.83
CA LYS A 55 5.55 12.17 -7.11
C LYS A 55 6.20 13.53 -7.28
N ILE A 56 6.05 14.39 -6.27
CA ILE A 56 6.63 15.72 -6.33
C ILE A 56 8.15 15.66 -6.53
N ILE A 57 8.83 14.94 -5.65
CA ILE A 57 10.27 14.80 -5.73
C ILE A 57 10.70 14.35 -7.13
N ASP A 58 10.09 13.27 -7.61
CA ASP A 58 10.40 12.74 -8.94
C ASP A 58 10.17 13.80 -10.01
N LYS A 59 9.01 14.46 -9.95
CA LYS A 59 8.67 15.49 -10.92
C LYS A 59 9.68 16.63 -10.89
N ALA A 60 10.24 16.89 -9.71
CA ALA A 60 11.23 17.95 -9.54
C ALA A 60 12.56 17.57 -10.20
N LYS A 61 13.15 16.48 -9.74
CA LYS A 61 14.42 16.01 -10.29
C LYS A 61 14.34 15.85 -11.79
N THR A 62 13.34 15.10 -12.25
CA THR A 62 13.14 14.86 -13.68
C THR A 62 14.31 14.08 -14.27
N THR A 63 15.11 13.47 -13.40
CA THR A 63 16.26 12.69 -13.84
C THR A 63 15.87 11.25 -14.12
N LEU A 64 14.79 10.80 -13.51
CA LEU A 64 14.31 9.43 -13.70
C LEU A 64 12.85 9.42 -14.17
N ALA A 1 12.34 -11.83 6.33
CA ALA A 1 11.38 -12.92 6.26
C ALA A 1 10.17 -12.55 5.41
N LYS A 2 9.35 -13.54 5.09
CA LYS A 2 8.16 -13.32 4.28
C LYS A 2 6.89 -13.63 5.06
N ALA A 3 7.03 -13.71 6.38
CA ALA A 3 5.89 -13.99 7.25
C ALA A 3 5.14 -12.72 7.61
N CYS A 4 4.86 -11.90 6.61
CA CYS A 4 4.15 -10.63 6.83
C CYS A 4 3.29 -10.29 5.62
N THR A 5 2.69 -9.11 5.66
CA THR A 5 1.83 -8.65 4.56
C THR A 5 2.48 -7.53 3.78
N PRO A 6 3.35 -7.89 2.84
CA PRO A 6 4.06 -6.93 1.99
C PRO A 6 3.14 -6.22 1.01
N LEU A 7 3.73 -5.48 0.07
CA LEU A 7 2.96 -4.75 -0.93
C LEU A 7 2.22 -5.71 -1.85
N LEU A 8 0.99 -5.34 -2.22
CA LEU A 8 0.19 -6.18 -3.10
C LEU A 8 -0.19 -7.49 -2.42
N HIS A 9 -0.75 -7.40 -1.22
CA HIS A 9 -1.14 -8.58 -0.46
C HIS A 9 -2.41 -8.30 0.34
N ASP A 10 -3.04 -9.36 0.83
CA ASP A 10 -4.26 -9.23 1.62
C ASP A 10 -3.98 -8.56 2.96
N CYS A 11 -4.34 -7.29 3.06
CA CYS A 11 -4.13 -6.52 4.29
C CYS A 11 -5.44 -6.35 5.05
N SER A 12 -6.49 -6.99 4.56
CA SER A 12 -7.80 -6.89 5.20
C SER A 12 -7.70 -7.20 6.69
N HIS A 13 -7.01 -8.28 7.02
CA HIS A 13 -6.84 -8.67 8.41
C HIS A 13 -5.51 -8.16 8.97
N ASP A 14 -4.95 -7.16 8.30
CA ASP A 14 -3.68 -6.57 8.72
C ASP A 14 -3.60 -5.11 8.34
N ARG A 15 -3.97 -4.23 9.27
CA ARG A 15 -3.95 -2.79 9.03
C ARG A 15 -2.52 -2.26 9.08
N HIS A 16 -1.95 -2.22 10.28
CA HIS A 16 -0.58 -1.74 10.47
C HIS A 16 0.39 -2.90 10.63
N SER A 17 0.02 -4.05 10.08
CA SER A 17 0.87 -5.24 10.17
C SER A 17 1.72 -5.41 8.91
N CYS A 18 1.39 -4.63 7.88
CA CYS A 18 2.11 -4.68 6.62
C CYS A 18 3.61 -4.56 6.86
N CYS A 19 4.40 -5.15 5.95
CA CYS A 19 5.85 -5.10 6.06
C CYS A 19 6.37 -3.67 5.90
N ARG A 20 7.56 -3.42 6.42
CA ARG A 20 8.17 -2.10 6.33
C ARG A 20 8.78 -1.86 4.95
N GLY A 21 8.86 -0.59 4.56
CA GLY A 21 9.43 -0.26 3.26
C GLY A 21 10.88 0.19 3.37
N ASP A 22 11.45 0.59 2.24
CA ASP A 22 12.84 1.05 2.20
C ASP A 22 12.97 2.44 2.83
N MET A 23 11.87 3.19 2.83
CA MET A 23 11.86 4.53 3.40
C MET A 23 10.74 4.68 4.42
N PHE A 24 9.55 4.21 4.06
CA PHE A 24 8.40 4.29 4.95
C PHE A 24 7.63 2.97 4.97
N LYS A 25 6.77 2.80 5.97
CA LYS A 25 5.97 1.60 6.10
C LYS A 25 4.78 1.62 5.14
N TYR A 26 4.46 0.46 4.58
CA TYR A 26 3.35 0.35 3.65
C TYR A 26 2.01 0.51 4.37
N VAL A 27 1.04 1.12 3.70
CA VAL A 27 -0.28 1.33 4.27
C VAL A 27 -1.31 0.39 3.64
N CYS A 28 -2.32 0.03 4.42
CA CYS A 28 -3.38 -0.86 3.94
C CYS A 28 -4.53 -0.06 3.35
N ASP A 29 -4.87 -0.38 2.11
CA ASP A 29 -5.97 0.31 1.42
C ASP A 29 -7.18 -0.60 1.28
N CYS A 30 -8.30 -0.17 1.87
CA CYS A 30 -9.53 -0.95 1.81
C CYS A 30 -10.49 -0.38 0.78
N PHE A 31 -11.21 -1.25 0.08
CA PHE A 31 -12.17 -0.84 -0.93
C PHE A 31 -13.37 -1.76 -0.97
N TYR A 32 -14.43 -1.33 -1.65
CA TYR A 32 -15.64 -2.13 -1.76
C TYR A 32 -16.28 -1.96 -3.14
N PRO A 33 -17.06 -2.98 -3.55
CA PRO A 33 -17.74 -2.96 -4.85
C PRO A 33 -18.88 -1.95 -4.89
N GLU A 34 -18.52 -0.67 -4.98
CA GLU A 34 -19.52 0.39 -5.04
C GLU A 34 -20.46 0.31 -3.84
N GLY A 35 -19.98 -0.26 -2.75
CA GLY A 35 -20.80 -0.40 -1.56
C GLY A 35 -20.14 -1.26 -0.50
N GLU A 36 -20.32 -0.87 0.76
CA GLU A 36 -19.73 -1.61 1.87
C GLU A 36 -20.70 -2.66 2.40
N ASP A 37 -21.73 -2.95 1.61
CA ASP A 37 -22.73 -3.94 1.99
C ASP A 37 -22.63 -5.18 1.11
N LYS A 38 -21.41 -5.50 0.71
CA LYS A 38 -21.17 -6.67 -0.14
C LYS A 38 -19.93 -7.43 0.31
N THR A 39 -18.76 -6.88 0.01
CA THR A 39 -17.49 -7.50 0.39
C THR A 39 -16.40 -6.46 0.59
N GLU A 40 -15.59 -6.65 1.62
CA GLU A 40 -14.50 -5.72 1.91
C GLU A 40 -13.18 -6.23 1.33
N VAL A 41 -12.70 -5.58 0.28
CA VAL A 41 -11.45 -5.97 -0.36
C VAL A 41 -10.34 -4.97 -0.06
N CYS A 42 -9.34 -5.41 0.68
CA CYS A 42 -8.21 -4.54 1.04
C CYS A 42 -6.91 -5.10 0.49
N SER A 43 -5.95 -4.21 0.25
CA SER A 43 -4.65 -4.62 -0.28
C SER A 43 -3.55 -3.66 0.20
N CYS A 44 -2.39 -4.23 0.48
CA CYS A 44 -1.25 -3.43 0.95
C CYS A 44 -0.73 -2.54 -0.17
N GLN A 45 -0.48 -1.27 0.18
CA GLN A 45 0.03 -0.30 -0.79
C GLN A 45 1.06 0.62 -0.15
N GLN A 46 1.58 1.56 -0.95
CA GLN A 46 2.57 2.50 -0.45
C GLN A 46 1.91 3.80 0.00
N PRO A 47 2.47 4.42 1.04
CA PRO A 47 1.96 5.68 1.59
C PRO A 47 2.19 6.86 0.65
N LYS A 48 1.55 7.98 0.95
CA LYS A 48 1.67 9.18 0.13
C LYS A 48 3.15 9.55 -0.06
N SER A 49 3.97 9.21 0.93
CA SER A 49 5.40 9.51 0.86
C SER A 49 6.07 8.70 -0.23
N HIS A 50 6.01 7.37 -0.10
CA HIS A 50 6.62 6.48 -1.09
C HIS A 50 6.10 6.79 -2.48
N LYS A 51 4.82 7.11 -2.59
CA LYS A 51 4.20 7.43 -3.87
C LYS A 51 4.83 8.68 -4.48
N ILE A 52 4.64 9.82 -3.82
CA ILE A 52 5.19 11.07 -4.30
C ILE A 52 6.70 10.97 -4.52
N ALA A 53 7.41 10.48 -3.50
CA ALA A 53 8.86 10.33 -3.59
C ALA A 53 9.25 9.56 -4.85
N GLU A 54 8.64 8.40 -5.05
CA GLU A 54 8.93 7.57 -6.21
C GLU A 54 8.71 8.36 -7.50
N LYS A 55 7.58 9.04 -7.59
CA LYS A 55 7.24 9.83 -8.77
C LYS A 55 8.35 10.82 -9.10
N ILE A 56 8.78 11.57 -8.09
CA ILE A 56 9.84 12.56 -8.27
C ILE A 56 11.13 11.90 -8.75
N ILE A 57 11.63 10.94 -7.96
CA ILE A 57 12.85 10.23 -8.32
C ILE A 57 12.76 9.63 -9.71
N ASP A 58 11.56 9.17 -10.06
CA ASP A 58 11.34 8.57 -11.38
C ASP A 58 11.52 9.60 -12.49
N LYS A 59 10.88 10.75 -12.33
CA LYS A 59 10.96 11.82 -13.31
C LYS A 59 12.39 12.33 -13.44
N ALA A 60 13.10 12.39 -12.31
CA ALA A 60 14.48 12.86 -12.30
C ALA A 60 15.41 11.83 -12.95
N LYS A 61 15.48 10.64 -12.34
CA LYS A 61 16.33 9.57 -12.85
C LYS A 61 16.03 9.28 -14.32
N THR A 62 14.75 8.99 -14.61
CA THR A 62 14.34 8.70 -15.97
C THR A 62 15.01 7.45 -16.51
N THR A 63 15.58 6.66 -15.60
CA THR A 63 16.26 5.43 -15.97
C THR A 63 15.29 4.25 -15.99
N LEU A 64 14.25 4.33 -15.18
CA LEU A 64 13.25 3.27 -15.10
C LEU A 64 13.92 1.92 -14.84
N ALA A 1 11.02 -15.50 10.61
CA ALA A 1 10.45 -16.85 10.54
C ALA A 1 8.98 -16.81 10.17
N LYS A 2 8.38 -15.62 10.27
CA LYS A 2 6.96 -15.46 9.94
C LYS A 2 6.80 -14.54 8.74
N ALA A 3 6.05 -15.02 7.74
CA ALA A 3 5.80 -14.23 6.54
C ALA A 3 4.95 -13.02 6.84
N CYS A 4 5.23 -11.91 6.15
CA CYS A 4 4.49 -10.67 6.35
C CYS A 4 3.57 -10.39 5.16
N THR A 5 2.93 -9.23 5.17
CA THR A 5 2.03 -8.84 4.10
C THR A 5 2.61 -7.71 3.26
N PRO A 6 3.48 -8.08 2.31
CA PRO A 6 4.14 -7.12 1.42
C PRO A 6 3.16 -6.50 0.42
N LEU A 7 3.70 -5.79 -0.56
CA LEU A 7 2.87 -5.15 -1.58
C LEU A 7 2.06 -6.18 -2.36
N LEU A 8 0.82 -5.82 -2.68
CA LEU A 8 -0.07 -6.72 -3.42
C LEU A 8 -0.42 -7.95 -2.58
N HIS A 9 -0.99 -7.71 -1.40
CA HIS A 9 -1.38 -8.80 -0.51
C HIS A 9 -2.63 -8.43 0.28
N ASP A 10 -3.25 -9.42 0.90
CA ASP A 10 -4.45 -9.20 1.69
C ASP A 10 -4.10 -8.59 3.05
N CYS A 11 -4.64 -7.40 3.31
CA CYS A 11 -4.38 -6.70 4.57
C CYS A 11 -5.68 -6.17 5.16
N SER A 12 -6.80 -6.51 4.54
CA SER A 12 -8.11 -6.05 5.00
C SER A 12 -8.31 -6.42 6.47
N HIS A 13 -7.82 -7.60 6.86
CA HIS A 13 -7.96 -8.07 8.23
C HIS A 13 -6.91 -7.41 9.13
N ASP A 14 -5.84 -6.90 8.52
CA ASP A 14 -4.78 -6.24 9.27
C ASP A 14 -4.05 -5.24 8.38
N ARG A 15 -4.29 -3.95 8.63
CA ARG A 15 -3.65 -2.89 7.87
C ARG A 15 -2.27 -2.55 8.43
N HIS A 16 -2.09 -2.81 9.73
CA HIS A 16 -0.82 -2.53 10.39
C HIS A 16 0.06 -3.78 10.41
N SER A 17 -0.27 -4.75 9.56
CA SER A 17 0.47 -5.99 9.48
C SER A 17 1.43 -5.97 8.28
N CYS A 18 1.15 -5.08 7.34
CA CYS A 18 1.99 -4.96 6.14
C CYS A 18 3.46 -4.81 6.51
N CYS A 19 4.34 -5.20 5.59
CA CYS A 19 5.78 -5.11 5.83
C CYS A 19 6.23 -3.65 5.85
N ARG A 20 7.32 -3.39 6.56
CA ARG A 20 7.86 -2.03 6.65
C ARG A 20 8.53 -1.62 5.35
N GLY A 21 8.89 -0.35 5.26
CA GLY A 21 9.53 0.16 4.06
C GLY A 21 10.95 0.66 4.33
N ASP A 22 11.60 1.16 3.28
CA ASP A 22 12.96 1.67 3.42
C ASP A 22 12.98 2.94 4.26
N MET A 23 11.92 3.75 4.13
CA MET A 23 11.83 4.99 4.87
C MET A 23 10.56 5.02 5.71
N PHE A 24 9.48 4.46 5.17
CA PHE A 24 8.20 4.42 5.87
C PHE A 24 7.45 3.13 5.56
N LYS A 25 6.85 2.54 6.58
CA LYS A 25 6.08 1.30 6.42
C LYS A 25 5.05 1.44 5.32
N TYR A 26 4.56 0.31 4.82
CA TYR A 26 3.55 0.31 3.76
C TYR A 26 2.18 0.70 4.31
N VAL A 27 1.20 0.83 3.41
CA VAL A 27 -0.15 1.19 3.81
C VAL A 27 -1.17 0.24 3.18
N CYS A 28 -2.28 0.02 3.89
CA CYS A 28 -3.33 -0.86 3.41
C CYS A 28 -4.46 -0.06 2.76
N ASP A 29 -4.60 -0.20 1.45
CA ASP A 29 -5.64 0.50 0.71
C ASP A 29 -6.92 -0.34 0.62
N CYS A 30 -8.02 0.23 1.09
CA CYS A 30 -9.31 -0.47 1.06
C CYS A 30 -10.20 0.08 -0.04
N PHE A 31 -11.10 -0.76 -0.54
CA PHE A 31 -12.01 -0.36 -1.61
C PHE A 31 -13.37 -1.05 -1.44
N TYR A 32 -14.42 -0.36 -1.86
CA TYR A 32 -15.78 -0.90 -1.77
C TYR A 32 -16.41 -1.05 -3.15
N PRO A 33 -16.00 -2.11 -3.87
CA PRO A 33 -16.51 -2.39 -5.21
C PRO A 33 -17.98 -2.83 -5.20
N GLU A 34 -18.88 -1.87 -5.01
CA GLU A 34 -20.31 -2.17 -4.97
C GLU A 34 -20.65 -3.02 -3.76
N GLY A 35 -19.89 -2.86 -2.68
CA GLY A 35 -20.13 -3.62 -1.48
C GLY A 35 -19.43 -3.04 -0.27
N GLU A 36 -19.93 -1.92 0.22
CA GLU A 36 -19.34 -1.26 1.38
C GLU A 36 -19.55 -2.07 2.65
N ASP A 37 -20.81 -2.28 3.00
CA ASP A 37 -21.16 -3.05 4.19
C ASP A 37 -21.45 -4.51 3.83
N LYS A 38 -20.93 -4.95 2.68
CA LYS A 38 -21.12 -6.31 2.23
C LYS A 38 -19.79 -7.06 2.15
N THR A 39 -18.83 -6.47 1.43
CA THR A 39 -17.51 -7.07 1.28
C THR A 39 -16.48 -6.03 0.87
N GLU A 40 -15.65 -5.62 1.83
CA GLU A 40 -14.61 -4.63 1.56
C GLU A 40 -13.32 -5.30 1.09
N VAL A 41 -12.83 -4.86 -0.06
CA VAL A 41 -11.62 -5.41 -0.63
C VAL A 41 -10.42 -4.49 -0.39
N CYS A 42 -9.47 -4.96 0.41
CA CYS A 42 -8.28 -4.17 0.72
C CYS A 42 -7.01 -4.89 0.26
N SER A 43 -5.98 -4.12 -0.05
CA SER A 43 -4.71 -4.67 -0.51
C SER A 43 -3.55 -3.79 -0.10
N CYS A 44 -2.38 -4.41 0.12
CA CYS A 44 -1.19 -3.68 0.53
C CYS A 44 -0.69 -2.80 -0.61
N GLN A 45 -0.51 -1.52 -0.33
CA GLN A 45 -0.02 -0.57 -1.32
C GLN A 45 1.03 0.36 -0.73
N GLN A 46 1.70 1.11 -1.60
CA GLN A 46 2.74 2.05 -1.16
C GLN A 46 2.13 3.41 -0.80
N PRO A 47 2.55 3.96 0.34
CA PRO A 47 2.07 5.26 0.82
C PRO A 47 2.57 6.42 -0.04
N LYS A 48 1.73 7.43 -0.20
CA LYS A 48 2.09 8.60 -1.00
C LYS A 48 3.33 9.28 -0.44
N SER A 49 3.64 9.00 0.83
CA SER A 49 4.80 9.59 1.48
C SER A 49 6.09 9.03 0.89
N HIS A 50 6.28 7.72 1.03
CA HIS A 50 7.48 7.06 0.52
C HIS A 50 7.54 7.17 -1.00
N LYS A 51 6.38 7.09 -1.65
CA LYS A 51 6.30 7.18 -3.10
C LYS A 51 6.75 8.55 -3.59
N ILE A 52 6.02 9.58 -3.20
CA ILE A 52 6.36 10.94 -3.60
C ILE A 52 7.76 11.32 -3.15
N ALA A 53 8.20 10.73 -2.04
CA ALA A 53 9.52 11.01 -1.50
C ALA A 53 10.61 10.53 -2.46
N GLU A 54 10.63 9.23 -2.74
CA GLU A 54 11.62 8.65 -3.63
C GLU A 54 11.49 9.24 -5.03
N LYS A 55 10.28 9.65 -5.39
CA LYS A 55 10.02 10.23 -6.70
C LYS A 55 10.75 11.57 -6.85
N ILE A 56 10.54 12.46 -5.88
CA ILE A 56 11.17 13.76 -5.90
C ILE A 56 12.70 13.64 -5.79
N ILE A 57 13.15 12.93 -4.78
CA ILE A 57 14.58 12.73 -4.57
C ILE A 57 15.25 12.17 -5.81
N ASP A 58 14.63 11.16 -6.41
CA ASP A 58 15.17 10.54 -7.61
C ASP A 58 15.23 11.54 -8.76
N LYS A 59 14.07 12.10 -9.11
CA LYS A 59 14.00 13.07 -10.19
C LYS A 59 14.97 14.23 -9.95
N ALA A 60 15.27 14.50 -8.69
CA ALA A 60 16.19 15.58 -8.33
C ALA A 60 17.63 15.15 -8.55
N LYS A 61 18.05 14.10 -7.86
CA LYS A 61 19.41 13.59 -7.96
C LYS A 61 19.74 13.23 -9.41
N THR A 62 18.70 12.90 -10.18
CA THR A 62 18.88 12.53 -11.58
C THR A 62 19.17 13.75 -12.44
N THR A 63 18.72 14.91 -11.97
CA THR A 63 18.93 16.16 -12.71
C THR A 63 20.27 16.79 -12.34
N LEU A 64 20.70 16.58 -11.11
CA LEU A 64 21.96 17.13 -10.62
C LEU A 64 23.11 16.14 -10.84
N ALA A 1 11.21 -18.53 4.85
CA ALA A 1 10.25 -17.52 4.41
C ALA A 1 10.23 -16.34 5.37
N LYS A 2 9.84 -15.18 4.86
CA LYS A 2 9.77 -13.97 5.67
C LYS A 2 8.37 -13.77 6.24
N ALA A 3 7.36 -14.22 5.50
CA ALA A 3 5.98 -14.10 5.93
C ALA A 3 5.57 -12.63 6.07
N CYS A 4 6.07 -11.79 5.17
CA CYS A 4 5.77 -10.37 5.19
C CYS A 4 4.58 -10.05 4.31
N THR A 5 3.90 -8.94 4.59
CA THR A 5 2.74 -8.53 3.82
C THR A 5 3.00 -7.21 3.09
N PRO A 6 3.72 -7.30 1.96
CA PRO A 6 4.06 -6.12 1.15
C PRO A 6 2.84 -5.53 0.45
N LEU A 7 3.08 -4.59 -0.45
CA LEU A 7 2.01 -3.94 -1.19
C LEU A 7 1.20 -4.96 -2.00
N LEU A 8 -0.09 -4.69 -2.17
CA LEU A 8 -0.95 -5.58 -2.92
C LEU A 8 -1.12 -6.92 -2.21
N HIS A 9 -1.55 -6.86 -0.95
CA HIS A 9 -1.75 -8.06 -0.15
C HIS A 9 -2.93 -7.90 0.79
N ASP A 10 -3.40 -9.01 1.36
CA ASP A 10 -4.51 -8.99 2.28
C ASP A 10 -4.07 -8.56 3.67
N CYS A 11 -4.54 -7.40 4.12
CA CYS A 11 -4.20 -6.87 5.43
C CYS A 11 -5.44 -6.68 6.29
N SER A 12 -6.58 -7.16 5.80
CA SER A 12 -7.84 -7.03 6.52
C SER A 12 -7.75 -7.72 7.88
N HIS A 13 -6.87 -8.71 7.99
CA HIS A 13 -6.70 -9.45 9.24
C HIS A 13 -5.81 -8.66 10.20
N ASP A 14 -5.04 -7.72 9.67
CA ASP A 14 -4.16 -6.90 10.48
C ASP A 14 -3.71 -5.65 9.73
N ARG A 15 -4.00 -4.49 10.30
CA ARG A 15 -3.63 -3.22 9.68
C ARG A 15 -2.17 -2.88 9.95
N HIS A 16 -1.57 -3.60 10.90
CA HIS A 16 -0.17 -3.38 11.26
C HIS A 16 0.67 -4.60 10.95
N SER A 17 0.24 -5.38 9.95
CA SER A 17 0.95 -6.59 9.56
C SER A 17 1.95 -6.29 8.45
N CYS A 18 1.58 -5.38 7.55
CA CYS A 18 2.45 -5.00 6.44
C CYS A 18 3.84 -4.63 6.94
N CYS A 19 4.86 -5.17 6.27
CA CYS A 19 6.25 -4.91 6.64
C CYS A 19 6.71 -3.56 6.10
N ARG A 20 7.94 -3.18 6.43
CA ARG A 20 8.49 -1.92 5.96
C ARG A 20 8.85 -1.99 4.48
N GLY A 21 8.83 -0.83 3.82
CA GLY A 21 9.15 -0.78 2.40
C GLY A 21 10.60 -0.41 2.15
N ASP A 22 10.90 0.02 0.93
CA ASP A 22 12.25 0.41 0.56
C ASP A 22 12.57 1.82 1.05
N MET A 23 11.55 2.69 1.04
CA MET A 23 11.73 4.06 1.49
C MET A 23 10.83 4.36 2.68
N PHE A 24 9.60 3.84 2.65
CA PHE A 24 8.66 4.06 3.73
C PHE A 24 7.79 2.81 3.95
N LYS A 25 7.27 2.66 5.17
CA LYS A 25 6.43 1.53 5.50
C LYS A 25 5.10 1.60 4.77
N TYR A 26 4.45 0.45 4.63
CA TYR A 26 3.17 0.38 3.93
C TYR A 26 2.02 0.59 4.90
N VAL A 27 0.84 0.91 4.37
CA VAL A 27 -0.34 1.14 5.18
C VAL A 27 -1.52 0.32 4.67
N CYS A 28 -2.40 -0.06 5.59
CA CYS A 28 -3.58 -0.86 5.24
C CYS A 28 -4.75 0.05 4.87
N ASP A 29 -5.26 -0.13 3.65
CA ASP A 29 -6.38 0.68 3.17
C ASP A 29 -7.58 -0.21 2.83
N CYS A 30 -8.76 0.24 3.21
CA CYS A 30 -9.99 -0.51 2.94
C CYS A 30 -10.93 0.28 2.04
N PHE A 31 -11.48 -0.39 1.04
CA PHE A 31 -12.40 0.24 0.10
C PHE A 31 -13.48 -0.73 -0.35
N TYR A 32 -14.35 -0.27 -1.25
CA TYR A 32 -15.43 -1.10 -1.76
C TYR A 32 -15.20 -1.46 -3.22
N PRO A 33 -15.82 -2.56 -3.66
CA PRO A 33 -15.70 -3.04 -5.05
C PRO A 33 -16.39 -2.13 -6.04
N GLU A 34 -17.04 -1.08 -5.53
CA GLU A 34 -17.75 -0.12 -6.38
C GLU A 34 -19.06 -0.72 -6.88
N GLY A 35 -19.67 -1.57 -6.05
CA GLY A 35 -20.92 -2.19 -6.43
C GLY A 35 -21.47 -3.10 -5.35
N GLU A 36 -20.68 -4.10 -4.97
CA GLU A 36 -21.08 -5.05 -3.94
C GLU A 36 -20.46 -4.70 -2.60
N ASP A 37 -20.92 -3.61 -2.01
CA ASP A 37 -20.41 -3.16 -0.71
C ASP A 37 -20.97 -4.01 0.42
N LYS A 38 -20.69 -5.31 0.37
CA LYS A 38 -21.17 -6.23 1.40
C LYS A 38 -20.06 -6.55 2.39
N THR A 39 -18.83 -6.26 2.02
CA THR A 39 -17.68 -6.52 2.88
C THR A 39 -16.48 -5.68 2.47
N GLU A 40 -16.17 -4.66 3.25
CA GLU A 40 -15.04 -3.79 2.96
C GLU A 40 -13.76 -4.59 2.73
N VAL A 41 -13.14 -4.38 1.58
CA VAL A 41 -11.91 -5.09 1.23
C VAL A 41 -10.68 -4.27 1.60
N CYS A 42 -9.84 -4.83 2.46
CA CYS A 42 -8.63 -4.16 2.90
C CYS A 42 -7.41 -4.74 2.19
N SER A 43 -6.55 -3.85 1.68
CA SER A 43 -5.34 -4.28 0.98
C SER A 43 -4.17 -3.39 1.36
N CYS A 44 -2.96 -3.92 1.20
CA CYS A 44 -1.74 -3.18 1.53
C CYS A 44 -1.46 -2.12 0.47
N GLN A 45 -1.50 -0.85 0.88
CA GLN A 45 -1.24 0.26 -0.02
C GLN A 45 -0.03 1.05 0.42
N GLN A 46 0.33 2.07 -0.37
CA GLN A 46 1.48 2.91 -0.06
C GLN A 46 1.07 4.07 0.85
N PRO A 47 2.05 4.62 1.58
CA PRO A 47 1.82 5.74 2.50
C PRO A 47 1.51 7.04 1.76
N LYS A 48 1.14 8.07 2.51
CA LYS A 48 0.82 9.36 1.94
C LYS A 48 2.01 9.92 1.16
N SER A 49 3.20 9.43 1.48
CA SER A 49 4.42 9.88 0.82
C SER A 49 4.52 9.28 -0.58
N HIS A 50 4.44 7.95 -0.65
CA HIS A 50 4.53 7.24 -1.92
C HIS A 50 3.36 7.62 -2.84
N LYS A 51 2.20 7.85 -2.24
CA LYS A 51 1.01 8.23 -3.00
C LYS A 51 1.14 9.64 -3.55
N ILE A 52 1.32 10.61 -2.65
CA ILE A 52 1.46 12.00 -3.06
C ILE A 52 2.59 12.18 -4.07
N ALA A 53 3.74 11.58 -3.76
CA ALA A 53 4.90 11.66 -4.64
C ALA A 53 4.60 11.06 -6.00
N GLU A 54 4.06 9.84 -6.00
CA GLU A 54 3.72 9.15 -7.24
C GLU A 54 2.88 10.04 -8.15
N LYS A 55 1.80 10.60 -7.59
CA LYS A 55 0.90 11.46 -8.34
C LYS A 55 1.67 12.66 -8.92
N ILE A 56 2.34 13.39 -8.04
CA ILE A 56 3.11 14.57 -8.47
C ILE A 56 4.07 14.21 -9.59
N ILE A 57 4.89 13.20 -9.37
CA ILE A 57 5.86 12.76 -10.37
C ILE A 57 5.16 12.35 -11.67
N ASP A 58 4.14 11.52 -11.55
CA ASP A 58 3.39 11.06 -12.71
C ASP A 58 2.89 12.25 -13.54
N LYS A 59 2.19 13.16 -12.88
CA LYS A 59 1.65 14.35 -13.54
C LYS A 59 2.78 15.22 -14.09
N ALA A 60 3.91 15.23 -13.38
CA ALA A 60 5.05 16.03 -13.78
C ALA A 60 5.58 15.58 -15.15
N LYS A 61 5.79 14.28 -15.30
CA LYS A 61 6.28 13.73 -16.56
C LYS A 61 5.22 13.82 -17.65
N THR A 62 3.97 13.54 -17.27
CA THR A 62 2.86 13.60 -18.22
C THR A 62 3.03 12.56 -19.31
N THR A 63 3.90 11.58 -19.08
CA THR A 63 4.16 10.52 -20.05
C THR A 63 3.16 9.39 -19.89
N LEU A 64 2.54 9.31 -18.71
CA LEU A 64 1.55 8.26 -18.44
C LEU A 64 0.16 8.69 -18.90
#